data_4LH3
#
_entry.id   4LH3
#
_cell.length_a   84.871
_cell.length_b   93.992
_cell.length_c   132.251
_cell.angle_alpha   90.000
_cell.angle_beta   90.000
_cell.angle_gamma   90.000
#
_symmetry.space_group_name_H-M   'P 21 21 21'
#
loop_
_entity.id
_entity.type
_entity.pdbx_description
1 polymer 'Delta-1-pyrroline-5-carboxylate dehydrogenase, mitochondrial'
2 non-polymer 'PENTAETHYLENE GLYCOL'
3 non-polymer 'GLUTARIC ACID'
4 water water
#
_entity_poly.entity_id   1
_entity_poly.type   'polypeptide(L)'
_entity_poly.pdbx_seq_one_letter_code
;MGSSHHHHHHSSGLVPRGSHMLRWKHTSSLKVANEPILAFSQGSPERDALQKALKDLKGQTEAIPCVVGDEEVWTSDIQY
QLSPFNHAHKVAKFCYADKALLNRAIDAALAARKEWDLKPMADRAQVFLKAADMLSGPRRAEVLAKTMVGQGKTVIQAEI
DAAAELIDFFRFNAKFAVELEGEQPISVPPSTNHTVYRGLEGFVAAISPFNFTAIGGNLAGAPALMGNVVLWKPSDTAML
ASYAVYRILREAGLPPNIIQFVPADGPTFGDTVTSSEHLCGINFTGSVPTFKHLWRQVAQNLDRFRTFPRLAGECGGKNF
HFVHSSADVDSVVSGTLRSAFEYGGQKCSACSRLYVPKSLWPQIKGRLLEEHSRIKVGDPAEDFGTFFSAVIDAKAFARI
KKWLEHARSSPSLSILAGGQCNESVGYYVEPCIIESKDPQEPIMKEEIFGPVLTVYVYPDDKYRETLKLVDSTTSYGLTG
AVFAQDKAIVQEATRMLRNAAGNFYINDKSTGSVVGQQPFGGARASGTNDKPGGPHYILRWTSPQVIKETHKPLGDWRYS
YMQ
;
_entity_poly.pdbx_strand_id   A,B
#
# COMPACT_ATOMS: atom_id res chain seq x y z
N LYS A 31 -16.53 10.69 -16.29
CA LYS A 31 -17.26 11.84 -15.79
C LYS A 31 -18.38 11.45 -14.82
N VAL A 32 -18.16 11.67 -13.53
CA VAL A 32 -19.17 11.37 -12.51
C VAL A 32 -19.28 12.47 -11.47
N ALA A 33 -20.47 12.60 -10.89
CA ALA A 33 -20.74 13.56 -9.83
C ALA A 33 -21.38 12.82 -8.67
N ASN A 34 -21.42 13.47 -7.50
CA ASN A 34 -22.05 12.86 -6.33
C ASN A 34 -23.55 12.69 -6.50
N GLU A 35 -24.06 11.58 -5.97
CA GLU A 35 -25.50 11.33 -5.95
C GLU A 35 -26.18 12.33 -5.04
N PRO A 36 -27.28 12.95 -5.50
CA PRO A 36 -27.97 13.90 -4.63
C PRO A 36 -28.54 13.25 -3.37
N ILE A 37 -28.45 13.93 -2.24
CA ILE A 37 -29.14 13.51 -1.01
C ILE A 37 -30.56 14.03 -1.05
N LEU A 38 -31.54 13.14 -0.98
CA LEU A 38 -32.94 13.53 -1.10
C LEU A 38 -33.47 14.14 0.22
N ALA A 39 -34.47 15.01 0.12
CA ALA A 39 -35.00 15.74 1.28
C ALA A 39 -36.10 14.97 1.99
N PHE A 40 -36.77 14.09 1.26
CA PHE A 40 -37.85 13.29 1.82
C PHE A 40 -38.95 14.14 2.43
N SER A 41 -39.33 15.22 1.75
CA SER A 41 -40.39 16.09 2.24
CA SER A 41 -40.39 16.10 2.23
C SER A 41 -41.74 15.41 2.09
N GLN A 42 -42.73 15.89 2.84
CA GLN A 42 -44.07 15.32 2.80
C GLN A 42 -44.60 15.27 1.37
N GLY A 43 -45.08 14.10 0.96
CA GLY A 43 -45.68 13.95 -0.34
C GLY A 43 -44.69 13.82 -1.47
N SER A 44 -43.40 13.71 -1.13
CA SER A 44 -42.39 13.53 -2.16
C SER A 44 -42.41 12.10 -2.69
N PRO A 45 -41.94 11.91 -3.92
CA PRO A 45 -41.85 10.56 -4.48
C PRO A 45 -41.01 9.66 -3.58
N GLU A 46 -39.86 10.17 -3.12
CA GLU A 46 -38.96 9.31 -2.35
C GLU A 46 -39.52 8.91 -0.99
N ARG A 47 -40.29 9.80 -0.37
CA ARG A 47 -40.87 9.52 0.95
C ARG A 47 -42.01 8.52 0.81
N ASP A 48 -42.83 8.70 -0.22
CA ASP A 48 -43.88 7.73 -0.53
C ASP A 48 -43.28 6.36 -0.81
N ALA A 49 -42.24 6.31 -1.64
CA ALA A 49 -41.59 5.04 -1.96
C ALA A 49 -40.95 4.37 -0.74
N LEU A 50 -40.34 5.18 0.14
CA LEU A 50 -39.69 4.62 1.32
C LEU A 50 -40.74 4.03 2.26
N GLN A 51 -41.82 4.77 2.46
CA GLN A 51 -42.93 4.29 3.27
C GLN A 51 -43.45 2.93 2.80
N LYS A 52 -43.66 2.78 1.50
CA LYS A 52 -44.09 1.50 0.93
C LYS A 52 -43.04 0.42 1.21
N ALA A 53 -41.77 0.77 0.99
CA ALA A 53 -40.68 -0.17 1.22
C ALA A 53 -40.60 -0.65 2.67
N LEU A 54 -40.86 0.26 3.60
CA LEU A 54 -40.88 -0.10 5.03
C LEU A 54 -42.03 -1.04 5.31
N LYS A 55 -43.19 -0.72 4.76
CA LYS A 55 -44.35 -1.58 4.93
C LYS A 55 -44.07 -2.96 4.32
N ASP A 56 -43.31 -2.99 3.23
CA ASP A 56 -42.91 -4.26 2.59
C ASP A 56 -42.14 -5.20 3.52
N LEU A 57 -41.43 -4.64 4.50
CA LEU A 57 -40.60 -5.43 5.43
C LEU A 57 -41.29 -5.74 6.77
N LYS A 58 -42.34 -5.02 7.09
CA LYS A 58 -43.00 -5.23 8.39
C LYS A 58 -43.44 -6.70 8.50
N GLY A 59 -43.00 -7.36 9.57
CA GLY A 59 -43.38 -8.74 9.81
C GLY A 59 -42.70 -9.77 8.91
N GLN A 60 -41.79 -9.34 8.05
CA GLN A 60 -41.11 -10.25 7.14
C GLN A 60 -39.78 -10.77 7.66
N THR A 61 -39.50 -12.04 7.37
CA THR A 61 -38.18 -12.61 7.62
C THR A 61 -37.67 -13.17 6.31
N GLU A 62 -36.50 -12.71 5.86
CA GLU A 62 -35.90 -13.26 4.64
C GLU A 62 -34.92 -14.37 5.00
N ALA A 63 -35.03 -15.49 4.28
CA ALA A 63 -34.10 -16.58 4.45
C ALA A 63 -32.94 -16.38 3.49
N ILE A 64 -31.80 -15.95 4.04
CA ILE A 64 -30.63 -15.56 3.25
C ILE A 64 -29.57 -16.64 3.31
N PRO A 65 -29.32 -17.31 2.17
CA PRO A 65 -28.37 -18.41 2.11
C PRO A 65 -26.96 -17.88 1.91
N CYS A 66 -25.97 -18.73 2.10
CA CYS A 66 -24.65 -18.47 1.55
C CYS A 66 -24.79 -18.61 0.04
N VAL A 67 -24.04 -17.80 -0.71
CA VAL A 67 -24.03 -17.98 -2.17
C VAL A 67 -22.60 -18.26 -2.62
N VAL A 68 -22.40 -19.46 -3.16
CA VAL A 68 -21.13 -19.81 -3.80
C VAL A 68 -21.42 -20.01 -5.28
N GLY A 69 -20.86 -19.13 -6.12
CA GLY A 69 -21.22 -19.09 -7.52
C GLY A 69 -22.66 -18.65 -7.64
N ASP A 70 -23.52 -19.50 -8.21
CA ASP A 70 -24.95 -19.22 -8.26
C ASP A 70 -25.71 -20.15 -7.32
N GLU A 71 -24.97 -20.95 -6.57
CA GLU A 71 -25.58 -21.93 -5.66
C GLU A 71 -25.96 -21.32 -4.32
N GLU A 72 -27.20 -21.57 -3.90
CA GLU A 72 -27.67 -21.12 -2.59
C GLU A 72 -27.45 -22.24 -1.60
N VAL A 73 -26.53 -22.05 -0.67
CA VAL A 73 -26.14 -23.11 0.24
C VAL A 73 -26.58 -22.83 1.68
N TRP A 74 -27.24 -23.81 2.29
CA TRP A 74 -27.55 -23.76 3.72
C TRP A 74 -26.69 -24.73 4.52
N THR A 75 -26.24 -24.29 5.68
CA THR A 75 -25.60 -25.18 6.66
C THR A 75 -26.55 -25.29 7.86
N SER A 76 -26.20 -26.16 8.79
CA SER A 76 -27.02 -26.34 9.99
C SER A 76 -26.80 -25.22 11.01
N ASP A 77 -25.82 -24.35 10.75
CA ASP A 77 -25.46 -23.31 11.72
C ASP A 77 -26.33 -22.08 11.51
N ILE A 78 -27.58 -22.16 11.92
CA ILE A 78 -28.59 -21.14 11.67
C ILE A 78 -28.47 -19.94 12.60
N GLN A 79 -28.60 -18.75 12.02
CA GLN A 79 -28.48 -17.51 12.79
C GLN A 79 -29.62 -16.57 12.41
N TYR A 80 -29.91 -15.61 13.28
CA TYR A 80 -30.93 -14.61 12.99
C TYR A 80 -30.40 -13.18 13.12
N GLN A 81 -30.89 -12.31 12.25
CA GLN A 81 -30.66 -10.88 12.38
C GLN A 81 -31.92 -10.26 12.97
N LEU A 82 -31.80 -9.50 14.05
CA LEU A 82 -32.98 -8.91 14.70
C LEU A 82 -33.08 -7.43 14.41
N SER A 83 -34.30 -6.90 14.37
CA SER A 83 -34.49 -5.45 14.22
C SER A 83 -34.09 -4.78 15.53
N PRO A 84 -33.09 -3.88 15.49
CA PRO A 84 -32.53 -3.35 16.75
C PRO A 84 -33.57 -2.67 17.63
N PHE A 85 -34.56 -2.01 17.04
CA PHE A 85 -35.57 -1.30 17.83
C PHE A 85 -36.79 -2.16 18.18
N ASN A 86 -36.79 -3.39 17.68
CA ASN A 86 -37.89 -4.32 17.98
C ASN A 86 -37.31 -5.70 17.79
N HIS A 87 -36.60 -6.21 18.80
CA HIS A 87 -35.83 -7.43 18.61
C HIS A 87 -36.67 -8.70 18.51
N ALA A 88 -37.97 -8.57 18.72
CA ALA A 88 -38.91 -9.65 18.45
C ALA A 88 -39.02 -9.90 16.96
N HIS A 89 -38.73 -8.87 16.16
CA HIS A 89 -38.73 -9.00 14.72
C HIS A 89 -37.42 -9.60 14.21
N LYS A 90 -37.46 -10.85 13.79
CA LYS A 90 -36.32 -11.46 13.11
C LYS A 90 -36.37 -11.07 11.64
N VAL A 91 -35.51 -10.13 11.24
CA VAL A 91 -35.60 -9.60 9.87
C VAL A 91 -34.96 -10.55 8.85
N ALA A 92 -34.11 -11.44 9.33
CA ALA A 92 -33.47 -12.40 8.44
C ALA A 92 -33.06 -13.65 9.19
N LYS A 93 -33.14 -14.79 8.51
CA LYS A 93 -32.51 -16.01 8.97
C LYS A 93 -31.40 -16.28 7.98
N PHE A 94 -30.19 -16.56 8.48
CA PHE A 94 -29.09 -16.90 7.59
C PHE A 94 -28.31 -18.01 8.26
N CYS A 95 -27.16 -18.37 7.70
CA CYS A 95 -26.34 -19.41 8.31
C CYS A 95 -24.86 -19.11 8.18
N TYR A 96 -24.07 -19.67 9.09
CA TYR A 96 -22.63 -19.53 9.04
C TYR A 96 -22.01 -20.58 8.12
N ALA A 97 -21.17 -20.13 7.19
CA ALA A 97 -20.48 -21.06 6.30
C ALA A 97 -19.41 -21.76 7.11
N ASP A 98 -19.31 -23.09 7.00
CA ASP A 98 -18.28 -23.81 7.71
C ASP A 98 -16.94 -23.81 6.99
N LYS A 99 -15.91 -24.32 7.66
CA LYS A 99 -14.58 -24.38 7.07
C LYS A 99 -14.66 -25.00 5.67
N ALA A 100 -15.40 -26.10 5.55
CA ALA A 100 -15.47 -26.79 4.27
C ALA A 100 -16.13 -25.94 3.19
N LEU A 101 -17.24 -25.27 3.53
CA LEU A 101 -17.92 -24.43 2.55
C LEU A 101 -17.05 -23.24 2.12
N LEU A 102 -16.37 -22.62 3.08
CA LEU A 102 -15.46 -21.53 2.76
C LEU A 102 -14.36 -22.00 1.82
N ASN A 103 -13.80 -23.19 2.07
CA ASN A 103 -12.75 -23.70 1.19
C ASN A 103 -13.27 -23.98 -0.23
N ARG A 104 -14.52 -24.44 -0.31
CA ARG A 104 -15.17 -24.65 -1.59
C ARG A 104 -15.38 -23.31 -2.32
N ALA A 105 -15.75 -22.27 -1.58
CA ALA A 105 -15.92 -20.95 -2.16
C ALA A 105 -14.61 -20.37 -2.68
N ILE A 106 -13.52 -20.62 -1.95
CA ILE A 106 -12.18 -20.23 -2.43
C ILE A 106 -11.88 -20.88 -3.78
N ASP A 107 -12.02 -22.21 -3.86
CA ASP A 107 -11.70 -22.92 -5.10
C ASP A 107 -12.49 -22.43 -6.30
N ALA A 108 -13.79 -22.23 -6.09
CA ALA A 108 -14.67 -21.79 -7.17
C ALA A 108 -14.33 -20.37 -7.61
N ALA A 109 -14.02 -19.49 -6.66
CA ALA A 109 -13.65 -18.13 -6.99
C ALA A 109 -12.33 -18.12 -7.77
N LEU A 110 -11.37 -18.91 -7.31
CA LEU A 110 -10.08 -18.95 -7.97
C LEU A 110 -10.19 -19.39 -9.42
N ALA A 111 -11.11 -20.33 -9.70
CA ALA A 111 -11.30 -20.82 -11.06
C ALA A 111 -11.95 -19.77 -11.98
N ALA A 112 -12.59 -18.76 -11.39
CA ALA A 112 -13.24 -17.71 -12.16
C ALA A 112 -12.35 -16.47 -12.34
N ARG A 113 -11.29 -16.38 -11.56
CA ARG A 113 -10.49 -15.15 -11.48
C ARG A 113 -9.80 -14.78 -12.80
N LYS A 114 -9.18 -15.75 -13.48
CA LYS A 114 -8.40 -15.43 -14.67
C LYS A 114 -9.23 -14.70 -15.73
N GLU A 115 -10.41 -15.21 -16.02
CA GLU A 115 -11.26 -14.62 -17.06
C GLU A 115 -11.78 -13.24 -16.64
N TRP A 116 -12.10 -13.09 -15.36
CA TRP A 116 -12.59 -11.82 -14.86
C TRP A 116 -11.50 -10.74 -14.95
N ASP A 117 -10.27 -11.11 -14.60
CA ASP A 117 -9.13 -10.21 -14.61
C ASP A 117 -8.73 -9.80 -16.02
N LEU A 118 -8.92 -10.74 -16.97
CA LEU A 118 -8.68 -10.45 -18.38
C LEU A 118 -9.73 -9.53 -19.02
N LYS A 119 -10.88 -9.34 -18.38
CA LYS A 119 -11.88 -8.41 -18.90
C LYS A 119 -11.36 -6.98 -18.89
N PRO A 120 -11.61 -6.21 -19.96
CA PRO A 120 -11.26 -4.78 -19.96
C PRO A 120 -11.79 -4.09 -18.70
N MET A 121 -11.02 -3.16 -18.15
CA MET A 121 -11.44 -2.42 -16.97
C MET A 121 -12.85 -1.82 -17.17
N ALA A 122 -13.08 -1.25 -18.34
CA ALA A 122 -14.37 -0.62 -18.65
C ALA A 122 -15.56 -1.57 -18.48
N ASP A 123 -15.36 -2.82 -18.87
CA ASP A 123 -16.43 -3.81 -18.80
C ASP A 123 -16.79 -4.19 -17.36
N ARG A 124 -15.78 -4.29 -16.49
CA ARG A 124 -16.01 -4.52 -15.07
C ARG A 124 -16.66 -3.29 -14.48
N ALA A 125 -16.17 -2.12 -14.87
CA ALA A 125 -16.73 -0.85 -14.41
C ALA A 125 -18.22 -0.76 -14.72
N GLN A 126 -18.61 -1.29 -15.89
CA GLN A 126 -20.00 -1.18 -16.35
C GLN A 126 -20.95 -1.84 -15.36
N VAL A 127 -20.49 -2.92 -14.72
CA VAL A 127 -21.33 -3.64 -13.76
C VAL A 127 -21.64 -2.74 -12.58
N PHE A 128 -20.62 -2.00 -12.12
CA PHE A 128 -20.80 -1.13 -10.98
C PHE A 128 -21.57 0.15 -11.29
N LEU A 129 -21.45 0.63 -12.52
CA LEU A 129 -22.23 1.79 -12.93
C LEU A 129 -23.71 1.40 -13.06
N LYS A 130 -23.97 0.20 -13.54
CA LYS A 130 -25.36 -0.27 -13.64
C LYS A 130 -25.93 -0.46 -12.24
N ALA A 131 -25.14 -1.03 -11.35
CA ALA A 131 -25.57 -1.23 -9.96
C ALA A 131 -25.88 0.13 -9.32
N ALA A 132 -25.01 1.11 -9.56
CA ALA A 132 -25.22 2.47 -9.07
C ALA A 132 -26.54 3.04 -9.53
N ASP A 133 -26.81 2.94 -10.84
CA ASP A 133 -28.09 3.40 -11.38
C ASP A 133 -29.29 2.70 -10.77
N MET A 134 -29.16 1.40 -10.50
CA MET A 134 -30.21 0.64 -9.85
C MET A 134 -30.46 1.16 -8.42
N LEU A 135 -29.38 1.32 -7.66
CA LEU A 135 -29.46 1.85 -6.31
C LEU A 135 -30.05 3.25 -6.28
N SER A 136 -29.70 4.06 -7.27
CA SER A 136 -30.20 5.43 -7.36
C SER A 136 -31.71 5.49 -7.57
N GLY A 137 -32.21 4.64 -8.46
CA GLY A 137 -33.61 4.67 -8.85
C GLY A 137 -34.49 3.60 -8.22
N PRO A 138 -34.70 2.50 -8.96
CA PRO A 138 -35.73 1.51 -8.59
C PRO A 138 -35.44 0.76 -7.29
N ARG A 139 -34.19 0.71 -6.85
CA ARG A 139 -33.87 -0.06 -5.66
C ARG A 139 -33.53 0.82 -4.46
N ARG A 140 -33.66 2.13 -4.63
CA ARG A 140 -33.30 3.04 -3.53
C ARG A 140 -34.12 2.78 -2.28
N ALA A 141 -35.44 2.77 -2.42
CA ALA A 141 -36.33 2.59 -1.29
C ALA A 141 -36.06 1.26 -0.56
N GLU A 142 -35.82 0.20 -1.33
CA GLU A 142 -35.51 -1.11 -0.77
C GLU A 142 -34.26 -1.10 0.12
N VAL A 143 -33.17 -0.56 -0.39
CA VAL A 143 -31.92 -0.64 0.36
C VAL A 143 -31.97 0.30 1.57
N LEU A 144 -32.65 1.42 1.43
CA LEU A 144 -32.88 2.32 2.56
C LEU A 144 -33.70 1.64 3.65
N ALA A 145 -34.84 1.06 3.26
CA ALA A 145 -35.72 0.37 4.22
C ALA A 145 -35.02 -0.80 4.92
N LYS A 146 -34.27 -1.59 4.18
CA LYS A 146 -33.56 -2.71 4.77
C LYS A 146 -32.50 -2.27 5.78
N THR A 147 -31.85 -1.13 5.50
CA THR A 147 -30.86 -0.55 6.40
C THR A 147 -31.54 0.04 7.64
N MET A 148 -32.73 0.61 7.45
CA MET A 148 -33.47 1.15 8.57
C MET A 148 -33.94 0.03 9.50
N VAL A 149 -34.66 -0.95 8.92
CA VAL A 149 -35.24 -2.02 9.72
C VAL A 149 -34.18 -2.97 10.29
N GLY A 150 -33.17 -3.30 9.49
CA GLY A 150 -32.13 -4.23 9.90
C GLY A 150 -31.03 -3.67 10.79
N GLN A 151 -30.63 -2.42 10.56
CA GLN A 151 -29.51 -1.83 11.32
C GLN A 151 -29.95 -0.69 12.22
N GLY A 152 -31.24 -0.35 12.16
CA GLY A 152 -31.80 0.66 13.05
C GLY A 152 -31.55 2.10 12.68
N LYS A 153 -31.26 2.37 11.41
CA LYS A 153 -31.02 3.74 10.94
C LYS A 153 -32.31 4.51 10.72
N THR A 154 -32.24 5.81 10.94
CA THR A 154 -33.33 6.72 10.57
C THR A 154 -33.25 6.98 9.08
N VAL A 155 -34.28 7.63 8.54
CA VAL A 155 -34.37 7.88 7.11
C VAL A 155 -33.10 8.51 6.55
N ILE A 156 -32.62 9.57 7.20
CA ILE A 156 -31.52 10.31 6.61
C ILE A 156 -30.20 9.56 6.75
N GLN A 157 -30.05 8.82 7.83
CA GLN A 157 -28.83 8.03 8.01
C GLN A 157 -28.75 6.89 6.99
N ALA A 158 -29.91 6.33 6.64
CA ALA A 158 -29.95 5.28 5.62
C ALA A 158 -29.66 5.86 4.24
N GLU A 159 -30.25 7.03 4.00
CA GLU A 159 -30.09 7.74 2.73
C GLU A 159 -28.63 8.10 2.45
N ILE A 160 -27.96 8.69 3.43
CA ILE A 160 -26.56 9.08 3.19
C ILE A 160 -25.65 7.86 3.07
N ASP A 161 -26.12 6.72 3.57
CA ASP A 161 -25.35 5.49 3.61
C ASP A 161 -25.66 4.57 2.42
N ALA A 162 -26.78 3.86 2.51
CA ALA A 162 -27.11 2.80 1.57
C ALA A 162 -27.37 3.31 0.16
N ALA A 163 -27.77 4.56 0.04
CA ALA A 163 -27.97 5.18 -1.27
C ALA A 163 -26.75 5.99 -1.64
N ALA A 164 -26.68 7.23 -1.18
CA ALA A 164 -25.61 8.14 -1.58
C ALA A 164 -24.20 7.56 -1.53
N GLU A 165 -23.77 7.10 -0.37
CA GLU A 165 -22.37 6.73 -0.22
C GLU A 165 -22.03 5.51 -1.07
N LEU A 166 -22.93 4.54 -1.10
CA LEU A 166 -22.71 3.31 -1.86
C LEU A 166 -22.67 3.61 -3.36
N ILE A 167 -23.66 4.37 -3.81
CA ILE A 167 -23.72 4.83 -5.19
C ILE A 167 -22.44 5.58 -5.56
N ASP A 168 -22.04 6.51 -4.68
CA ASP A 168 -20.81 7.27 -4.90
C ASP A 168 -19.57 6.37 -4.95
N PHE A 169 -19.47 5.41 -4.04
CA PHE A 169 -18.34 4.46 -4.10
C PHE A 169 -18.25 3.80 -5.48
N PHE A 170 -19.39 3.28 -5.94
CA PHE A 170 -19.45 2.56 -7.20
C PHE A 170 -19.14 3.47 -8.40
N ARG A 171 -19.70 4.66 -8.41
CA ARG A 171 -19.46 5.57 -9.54
C ARG A 171 -18.04 6.15 -9.52
N PHE A 172 -17.60 6.64 -8.37
CA PHE A 172 -16.25 7.21 -8.27
C PHE A 172 -15.12 6.19 -8.46
N ASN A 173 -15.24 5.01 -7.85
CA ASN A 173 -14.20 4.00 -8.03
C ASN A 173 -14.12 3.55 -9.49
N ALA A 174 -15.27 3.46 -10.13
CA ALA A 174 -15.33 3.16 -11.56
C ALA A 174 -14.54 4.19 -12.36
N LYS A 175 -14.80 5.46 -12.08
CA LYS A 175 -14.07 6.54 -12.72
C LYS A 175 -12.58 6.40 -12.46
N PHE A 176 -12.21 6.34 -11.18
CA PHE A 176 -10.80 6.25 -10.80
C PHE A 176 -10.11 5.10 -11.52
N ALA A 177 -10.81 3.98 -11.63
CA ALA A 177 -10.21 2.77 -12.21
C ALA A 177 -10.05 2.89 -13.71
N VAL A 178 -11.05 3.50 -14.33
CA VAL A 178 -11.03 3.68 -15.78
C VAL A 178 -9.94 4.66 -16.13
N GLU A 179 -9.83 5.72 -15.34
CA GLU A 179 -8.78 6.70 -15.57
C GLU A 179 -7.41 6.14 -15.26
N LEU A 180 -7.34 5.17 -14.34
CA LEU A 180 -6.06 4.57 -13.99
C LEU A 180 -5.40 3.89 -15.19
N GLU A 181 -6.20 3.26 -16.05
CA GLU A 181 -5.67 2.67 -17.28
C GLU A 181 -5.00 3.69 -18.20
N GLY A 182 -5.35 4.97 -18.03
CA GLY A 182 -4.72 6.03 -18.80
C GLY A 182 -3.38 6.46 -18.23
N GLU A 183 -3.06 5.98 -17.04
CA GLU A 183 -1.76 6.27 -16.45
C GLU A 183 -0.72 5.32 -17.03
N GLN A 184 -0.01 5.79 -18.06
CA GLN A 184 0.90 4.92 -18.80
C GLN A 184 2.30 5.53 -18.83
N PRO A 185 3.34 4.69 -18.95
CA PRO A 185 4.72 5.16 -18.88
C PRO A 185 5.20 5.74 -20.20
N ILE A 186 6.43 6.24 -20.20
CA ILE A 186 7.05 6.79 -21.39
C ILE A 186 7.50 5.69 -22.34
N SER A 187 7.20 5.87 -23.62
CA SER A 187 7.71 4.99 -24.68
C SER A 187 8.75 5.74 -25.51
N VAL A 188 9.89 5.11 -25.72
CA VAL A 188 10.93 5.67 -26.58
C VAL A 188 11.24 4.68 -27.69
N PRO A 189 11.17 5.13 -28.94
CA PRO A 189 11.51 4.23 -30.05
C PRO A 189 12.88 3.59 -29.82
N PRO A 190 13.05 2.34 -30.24
CA PRO A 190 12.06 1.53 -30.94
C PRO A 190 11.27 0.61 -30.01
N SER A 191 10.83 1.12 -28.86
CA SER A 191 10.08 0.30 -27.91
C SER A 191 8.78 0.93 -27.49
N THR A 192 7.79 0.08 -27.19
CA THR A 192 6.52 0.56 -26.67
C THR A 192 6.29 -0.03 -25.28
N ASN A 193 6.00 0.83 -24.31
CA ASN A 193 5.78 0.37 -22.95
C ASN A 193 4.33 0.52 -22.55
N HIS A 194 3.78 -0.47 -21.87
CA HIS A 194 2.40 -0.40 -21.44
C HIS A 194 2.25 -1.02 -20.05
N THR A 195 1.51 -0.36 -19.16
CA THR A 195 1.22 -0.93 -17.86
C THR A 195 -0.14 -1.63 -17.87
N VAL A 196 -0.16 -2.86 -17.39
CA VAL A 196 -1.38 -3.64 -17.22
C VAL A 196 -1.71 -3.68 -15.74
N TYR A 197 -2.86 -3.14 -15.37
CA TYR A 197 -3.26 -3.12 -13.97
C TYR A 197 -3.97 -4.43 -13.61
N ARG A 198 -3.15 -5.46 -13.34
CA ARG A 198 -3.64 -6.79 -13.00
C ARG A 198 -4.33 -6.78 -11.66
N GLY A 199 -5.37 -7.59 -11.50
CA GLY A 199 -5.89 -7.89 -10.19
C GLY A 199 -4.82 -8.66 -9.43
N LEU A 200 -4.99 -8.77 -8.11
CA LEU A 200 -4.06 -9.53 -7.29
C LEU A 200 -4.31 -11.01 -7.58
N GLU A 201 -3.25 -11.81 -7.58
CA GLU A 201 -3.38 -13.23 -7.86
C GLU A 201 -3.75 -14.01 -6.59
N GLY A 202 -4.94 -14.63 -6.59
CA GLY A 202 -5.43 -15.30 -5.40
C GLY A 202 -6.83 -14.80 -5.13
N PHE A 203 -7.26 -14.87 -3.88
CA PHE A 203 -8.56 -14.30 -3.53
C PHE A 203 -8.39 -13.26 -2.42
N VAL A 204 -9.35 -12.35 -2.35
CA VAL A 204 -9.34 -11.33 -1.32
C VAL A 204 -10.48 -11.63 -0.36
N ALA A 205 -10.22 -11.53 0.94
CA ALA A 205 -11.25 -11.70 1.97
C ALA A 205 -11.75 -10.33 2.39
N ALA A 206 -13.05 -10.09 2.27
CA ALA A 206 -13.65 -8.82 2.64
C ALA A 206 -14.52 -9.01 3.87
N ILE A 207 -14.23 -8.25 4.92
CA ILE A 207 -14.88 -8.41 6.22
C ILE A 207 -15.47 -7.07 6.63
N SER A 208 -16.79 -6.95 6.57
CA SER A 208 -17.41 -5.64 6.70
C SER A 208 -18.14 -5.44 8.02
N PRO A 209 -18.32 -4.18 8.44
CA PRO A 209 -18.91 -3.86 9.75
C PRO A 209 -20.42 -3.63 9.65
N PHE A 210 -21.07 -3.64 10.81
CA PHE A 210 -22.52 -3.51 10.85
C PHE A 210 -23.03 -2.12 10.52
N ASN A 211 -22.19 -1.11 10.72
CA ASN A 211 -22.70 0.26 10.86
C ASN A 211 -22.93 1.03 9.56
N PHE A 212 -22.37 0.55 8.45
CA PHE A 212 -22.61 1.17 7.17
C PHE A 212 -22.84 0.12 6.10
N THR A 213 -24.03 0.14 5.51
CA THR A 213 -24.30 -0.71 4.35
C THR A 213 -23.28 -0.46 3.23
N ALA A 214 -22.97 0.81 2.99
CA ALA A 214 -22.07 1.20 1.91
C ALA A 214 -20.67 0.60 2.08
N ILE A 215 -20.20 0.46 3.31
CA ILE A 215 -18.83 -0.02 3.52
C ILE A 215 -18.69 -1.47 3.04
N GLY A 216 -19.69 -2.29 3.31
CA GLY A 216 -19.68 -3.66 2.84
C GLY A 216 -19.59 -3.70 1.33
N GLY A 217 -20.43 -2.88 0.68
CA GLY A 217 -20.44 -2.80 -0.77
C GLY A 217 -19.07 -2.40 -1.31
N ASN A 218 -18.42 -1.45 -0.66
CA ASN A 218 -17.08 -1.03 -1.09
C ASN A 218 -15.98 -2.08 -0.81
N LEU A 219 -16.00 -2.67 0.38
CA LEU A 219 -14.94 -3.62 0.77
C LEU A 219 -14.87 -4.79 -0.19
N ALA A 220 -16.03 -5.30 -0.61
CA ALA A 220 -16.07 -6.40 -1.56
C ALA A 220 -16.03 -5.87 -2.99
N GLY A 221 -16.69 -4.74 -3.22
CA GLY A 221 -16.83 -4.20 -4.57
C GLY A 221 -15.56 -3.63 -5.16
N ALA A 222 -14.83 -2.84 -4.38
CA ALA A 222 -13.63 -2.19 -4.92
C ALA A 222 -12.64 -3.23 -5.44
N PRO A 223 -12.35 -4.27 -4.64
CA PRO A 223 -11.40 -5.25 -5.14
C PRO A 223 -11.95 -6.00 -6.35
N ALA A 224 -13.23 -6.36 -6.35
CA ALA A 224 -13.81 -7.02 -7.53
C ALA A 224 -13.67 -6.16 -8.78
N LEU A 225 -13.88 -4.84 -8.63
CA LEU A 225 -13.73 -3.91 -9.74
C LEU A 225 -12.34 -4.00 -10.38
N MET A 226 -11.33 -4.18 -9.55
CA MET A 226 -9.95 -4.20 -10.03
C MET A 226 -9.53 -5.59 -10.51
N GLY A 227 -10.49 -6.49 -10.66
CA GLY A 227 -10.20 -7.79 -11.27
C GLY A 227 -9.91 -8.88 -10.27
N ASN A 228 -10.23 -8.62 -9.00
CA ASN A 228 -10.06 -9.65 -7.98
C ASN A 228 -11.32 -10.49 -7.81
N VAL A 229 -11.15 -11.65 -7.16
CA VAL A 229 -12.28 -12.43 -6.70
C VAL A 229 -12.29 -12.39 -5.19
N VAL A 230 -13.48 -12.44 -4.59
CA VAL A 230 -13.66 -12.05 -3.19
C VAL A 230 -14.54 -13.03 -2.41
N LEU A 231 -14.11 -13.42 -1.21
CA LEU A 231 -15.03 -13.98 -0.23
C LEU A 231 -15.49 -12.85 0.68
N TRP A 232 -16.77 -12.55 0.65
CA TRP A 232 -17.30 -11.46 1.46
C TRP A 232 -18.00 -12.02 2.68
N LYS A 233 -17.46 -11.74 3.86
CA LYS A 233 -18.14 -12.08 5.10
C LYS A 233 -18.85 -10.83 5.57
N PRO A 234 -20.16 -10.74 5.33
CA PRO A 234 -20.86 -9.53 5.76
C PRO A 234 -21.18 -9.59 7.25
N SER A 235 -21.48 -8.45 7.84
CA SER A 235 -21.82 -8.38 9.26
C SER A 235 -23.15 -9.03 9.57
N ASP A 236 -23.17 -9.88 10.60
CA ASP A 236 -24.39 -10.56 11.04
C ASP A 236 -25.54 -9.57 11.19
N THR A 237 -25.24 -8.45 11.83
CA THR A 237 -26.27 -7.49 12.19
C THR A 237 -26.62 -6.52 11.06
N ALA A 238 -26.05 -6.75 9.88
CA ALA A 238 -26.40 -5.96 8.71
C ALA A 238 -26.72 -6.88 7.53
N MET A 239 -27.07 -8.12 7.84
CA MET A 239 -27.20 -9.14 6.79
C MET A 239 -28.22 -8.78 5.72
N LEU A 240 -29.39 -8.32 6.15
CA LEU A 240 -30.51 -8.04 5.26
C LEU A 240 -30.13 -7.05 4.15
N ALA A 241 -29.59 -5.90 4.53
CA ALA A 241 -29.17 -4.90 3.56
C ALA A 241 -27.97 -5.37 2.72
N SER A 242 -27.04 -6.07 3.36
CA SER A 242 -25.86 -6.54 2.64
C SER A 242 -26.26 -7.49 1.51
N TYR A 243 -27.17 -8.40 1.80
CA TYR A 243 -27.59 -9.36 0.78
C TYR A 243 -28.32 -8.61 -0.33
N ALA A 244 -29.04 -7.55 0.05
CA ALA A 244 -29.75 -6.73 -0.93
C ALA A 244 -28.74 -6.15 -1.93
N VAL A 245 -27.62 -5.67 -1.41
CA VAL A 245 -26.56 -5.12 -2.25
C VAL A 245 -25.94 -6.23 -3.10
N TYR A 246 -25.70 -7.39 -2.50
CA TYR A 246 -25.15 -8.52 -3.24
C TYR A 246 -26.02 -8.87 -4.45
N ARG A 247 -27.33 -8.97 -4.22
CA ARG A 247 -28.26 -9.33 -5.31
C ARG A 247 -28.28 -8.27 -6.41
N ILE A 248 -28.24 -7.00 -6.03
CA ILE A 248 -28.14 -5.93 -7.02
C ILE A 248 -26.89 -6.08 -7.90
N LEU A 249 -25.73 -6.33 -7.28
CA LEU A 249 -24.50 -6.54 -8.05
C LEU A 249 -24.66 -7.69 -9.05
N ARG A 250 -25.23 -8.80 -8.60
CA ARG A 250 -25.45 -9.96 -9.48
C ARG A 250 -26.39 -9.61 -10.60
N GLU A 251 -27.51 -8.96 -10.27
CA GLU A 251 -28.48 -8.54 -11.27
C GLU A 251 -27.88 -7.52 -12.24
N ALA A 252 -26.93 -6.71 -11.77
CA ALA A 252 -26.27 -5.71 -12.61
C ALA A 252 -25.24 -6.33 -13.55
N GLY A 253 -25.02 -7.63 -13.41
CA GLY A 253 -24.18 -8.36 -14.34
C GLY A 253 -22.90 -8.96 -13.79
N LEU A 254 -22.67 -8.86 -12.48
CA LEU A 254 -21.50 -9.51 -11.89
C LEU A 254 -21.59 -11.03 -12.11
N PRO A 255 -20.58 -11.63 -12.74
CA PRO A 255 -20.62 -13.07 -13.03
C PRO A 255 -20.53 -13.92 -11.76
N PRO A 256 -20.89 -15.22 -11.87
CA PRO A 256 -20.82 -16.12 -10.72
C PRO A 256 -19.38 -16.26 -10.24
N ASN A 257 -19.19 -16.45 -8.93
CA ASN A 257 -17.89 -16.76 -8.36
C ASN A 257 -16.87 -15.61 -8.29
N ILE A 258 -17.31 -14.38 -8.57
CA ILE A 258 -16.44 -13.20 -8.42
C ILE A 258 -16.55 -12.67 -6.97
N ILE A 259 -17.78 -12.58 -6.47
CA ILE A 259 -18.00 -12.36 -5.04
C ILE A 259 -18.84 -13.51 -4.48
N GLN A 260 -18.29 -14.18 -3.48
CA GLN A 260 -19.04 -15.23 -2.80
C GLN A 260 -19.62 -14.60 -1.55
N PHE A 261 -20.89 -14.84 -1.30
CA PHE A 261 -21.56 -14.26 -0.15
C PHE A 261 -21.50 -15.28 0.98
N VAL A 262 -20.56 -15.12 1.91
CA VAL A 262 -20.31 -16.15 2.92
C VAL A 262 -20.28 -15.63 4.37
N PRO A 263 -21.48 -15.39 4.95
CA PRO A 263 -21.57 -15.11 6.37
C PRO A 263 -20.87 -16.24 7.12
N ALA A 264 -20.26 -15.94 8.25
CA ALA A 264 -19.52 -16.97 8.97
C ALA A 264 -19.20 -16.48 10.36
N ASP A 265 -18.93 -17.42 11.25
CA ASP A 265 -18.33 -17.08 12.54
C ASP A 265 -17.01 -16.35 12.27
N GLY A 266 -16.77 -15.26 13.00
CA GLY A 266 -15.58 -14.45 12.78
C GLY A 266 -14.25 -15.18 12.81
N PRO A 267 -13.95 -15.83 13.95
CA PRO A 267 -12.70 -16.58 14.07
C PRO A 267 -12.59 -17.70 13.03
N THR A 268 -13.71 -18.38 12.75
CA THR A 268 -13.69 -19.46 11.77
C THR A 268 -13.36 -18.91 10.39
N PHE A 269 -13.94 -17.76 10.06
CA PHE A 269 -13.67 -17.16 8.77
C PHE A 269 -12.22 -16.73 8.67
N GLY A 270 -11.74 -16.07 9.73
CA GLY A 270 -10.37 -15.60 9.78
C GLY A 270 -9.38 -16.74 9.72
N ASP A 271 -9.64 -17.79 10.49
CA ASP A 271 -8.77 -18.96 10.51
C ASP A 271 -8.68 -19.59 9.13
N THR A 272 -9.83 -19.68 8.46
CA THR A 272 -9.88 -20.37 7.18
C THR A 272 -9.17 -19.56 6.11
N VAL A 273 -9.50 -18.28 5.98
CA VAL A 273 -8.89 -17.52 4.91
C VAL A 273 -7.37 -17.34 5.11
N THR A 274 -6.92 -17.17 6.35
CA THR A 274 -5.48 -16.99 6.59
C THR A 274 -4.70 -18.31 6.46
N SER A 275 -5.43 -19.42 6.36
CA SER A 275 -4.83 -20.74 6.19
C SER A 275 -4.72 -21.15 4.73
N SER A 276 -5.28 -20.35 3.82
CA SER A 276 -5.23 -20.71 2.40
C SER A 276 -4.00 -20.13 1.71
N GLU A 277 -3.31 -20.97 0.93
CA GLU A 277 -2.11 -20.52 0.24
C GLU A 277 -2.43 -19.47 -0.81
N HIS A 278 -3.71 -19.35 -1.15
CA HIS A 278 -4.17 -18.44 -2.20
C HIS A 278 -4.65 -17.08 -1.71
N LEU A 279 -4.56 -16.82 -0.40
CA LEU A 279 -4.98 -15.52 0.11
C LEU A 279 -4.05 -14.43 -0.43
N CYS A 280 -4.61 -13.37 -1.01
CA CYS A 280 -3.77 -12.30 -1.52
C CYS A 280 -4.14 -10.94 -0.91
N GLY A 281 -5.25 -10.88 -0.17
CA GLY A 281 -5.61 -9.63 0.49
C GLY A 281 -6.71 -9.80 1.52
N ILE A 282 -6.71 -8.92 2.51
CA ILE A 282 -7.82 -8.83 3.42
C ILE A 282 -8.29 -7.37 3.42
N ASN A 283 -9.57 -7.14 3.14
CA ASN A 283 -10.11 -5.79 3.20
C ASN A 283 -11.03 -5.75 4.39
N PHE A 284 -10.57 -5.08 5.44
CA PHE A 284 -11.20 -5.18 6.75
C PHE A 284 -11.66 -3.83 7.28
N THR A 285 -12.83 -3.82 7.90
CA THR A 285 -13.22 -2.66 8.71
C THR A 285 -13.88 -3.21 9.97
N GLY A 286 -13.35 -2.84 11.12
CA GLY A 286 -13.83 -3.36 12.40
C GLY A 286 -12.85 -3.07 13.51
N SER A 287 -12.80 -3.95 14.51
CA SER A 287 -12.05 -3.68 15.74
C SER A 287 -10.53 -3.73 15.55
N VAL A 288 -9.81 -2.87 16.27
CA VAL A 288 -8.33 -2.96 16.27
C VAL A 288 -7.80 -4.35 16.64
N PRO A 289 -8.31 -4.95 17.73
CA PRO A 289 -7.68 -6.22 18.10
C PRO A 289 -7.90 -7.33 17.07
N THR A 290 -9.04 -7.30 16.39
CA THR A 290 -9.32 -8.32 15.38
C THR A 290 -8.44 -8.11 14.14
N PHE A 291 -8.28 -6.86 13.73
CA PHE A 291 -7.35 -6.58 12.64
C PHE A 291 -5.94 -7.04 13.01
N LYS A 292 -5.50 -6.77 14.24
CA LYS A 292 -4.16 -7.17 14.70
C LYS A 292 -4.01 -8.69 14.69
N HIS A 293 -5.07 -9.38 15.09
CA HIS A 293 -5.09 -10.84 15.11
C HIS A 293 -4.93 -11.40 13.70
N LEU A 294 -5.70 -10.87 12.75
CA LEU A 294 -5.58 -11.31 11.36
C LEU A 294 -4.19 -11.05 10.80
N TRP A 295 -3.65 -9.88 11.14
CA TRP A 295 -2.28 -9.50 10.74
C TRP A 295 -1.29 -10.54 11.25
N ARG A 296 -1.45 -10.93 12.51
CA ARG A 296 -0.55 -11.92 13.10
C ARG A 296 -0.74 -13.32 12.51
N GLN A 297 -1.96 -13.66 12.14
CA GLN A 297 -2.22 -14.97 11.51
C GLN A 297 -1.53 -15.05 10.14
N VAL A 298 -1.64 -13.97 9.38
CA VAL A 298 -0.96 -13.90 8.09
C VAL A 298 0.55 -14.03 8.27
N ALA A 299 1.08 -13.35 9.29
CA ALA A 299 2.52 -13.40 9.54
C ALA A 299 2.96 -14.81 9.93
N GLN A 300 2.15 -15.47 10.75
CA GLN A 300 2.48 -16.83 11.19
C GLN A 300 2.49 -17.80 10.01
N ASN A 301 1.62 -17.56 9.03
CA ASN A 301 1.47 -18.44 7.88
C ASN A 301 2.20 -17.98 6.62
N LEU A 302 3.11 -17.03 6.79
CA LEU A 302 3.76 -16.37 5.67
C LEU A 302 4.42 -17.35 4.68
N ASP A 303 4.93 -18.47 5.19
CA ASP A 303 5.63 -19.42 4.33
C ASP A 303 4.69 -20.21 3.43
N ARG A 304 3.40 -20.19 3.75
CA ARG A 304 2.41 -20.94 2.97
C ARG A 304 1.88 -20.19 1.75
N PHE A 305 1.88 -18.86 1.79
CA PHE A 305 1.22 -18.08 0.74
C PHE A 305 2.04 -18.02 -0.54
N ARG A 306 1.33 -18.02 -1.68
CA ARG A 306 1.94 -17.87 -2.99
C ARG A 306 2.45 -16.45 -3.24
N THR A 307 1.81 -15.45 -2.64
CA THR A 307 2.38 -14.10 -2.63
C THR A 307 2.04 -13.44 -1.30
N PHE A 308 2.66 -12.28 -1.05
CA PHE A 308 2.48 -11.57 0.20
C PHE A 308 1.10 -10.93 0.25
N PRO A 309 0.26 -11.39 1.18
CA PRO A 309 -1.09 -10.80 1.22
C PRO A 309 -1.07 -9.33 1.62
N ARG A 310 -1.99 -8.55 1.06
CA ARG A 310 -2.11 -7.13 1.38
C ARG A 310 -3.21 -6.92 2.39
N LEU A 311 -2.86 -6.37 3.55
CA LEU A 311 -3.87 -6.10 4.56
C LEU A 311 -4.28 -4.63 4.59
N ALA A 312 -5.59 -4.39 4.53
CA ALA A 312 -6.12 -3.03 4.60
C ALA A 312 -7.14 -3.04 5.73
N GLY A 313 -7.02 -2.07 6.64
CA GLY A 313 -7.90 -2.05 7.79
C GLY A 313 -8.28 -0.64 8.22
N GLU A 314 -9.56 -0.44 8.45
CA GLU A 314 -10.08 0.79 9.07
C GLU A 314 -10.63 0.39 10.43
N CYS A 315 -10.10 0.96 11.52
CA CYS A 315 -10.33 0.44 12.87
C CYS A 315 -10.84 1.39 13.95
N GLY A 316 -11.55 2.44 13.57
CA GLY A 316 -12.21 3.24 14.59
C GLY A 316 -11.36 4.35 15.18
N GLY A 317 -11.93 5.08 16.13
CA GLY A 317 -11.27 6.26 16.65
C GLY A 317 -11.85 6.73 17.97
N LYS A 318 -11.23 7.74 18.57
CA LYS A 318 -11.80 8.42 19.71
C LYS A 318 -11.78 9.88 19.32
N ASN A 319 -12.83 10.32 18.64
CA ASN A 319 -12.75 11.57 17.89
C ASN A 319 -13.19 12.79 18.68
N PHE A 320 -12.56 13.92 18.37
CA PHE A 320 -12.73 15.12 19.16
C PHE A 320 -13.44 16.24 18.41
N HIS A 321 -14.11 17.11 19.17
CA HIS A 321 -14.46 18.44 18.69
C HIS A 321 -13.77 19.38 19.65
N PHE A 322 -12.84 20.20 19.16
CA PHE A 322 -12.13 21.16 20.01
C PHE A 322 -12.72 22.53 19.76
N VAL A 323 -13.11 23.22 20.84
CA VAL A 323 -13.75 24.52 20.70
C VAL A 323 -12.81 25.59 21.23
N HIS A 324 -12.59 26.63 20.42
CA HIS A 324 -11.88 27.84 20.85
C HIS A 324 -12.91 28.89 21.28
N SER A 325 -12.52 29.83 22.14
CA SER A 325 -13.46 30.84 22.63
C SER A 325 -14.12 31.69 21.54
N SER A 326 -13.53 31.73 20.35
CA SER A 326 -14.10 32.52 19.25
C SER A 326 -15.16 31.77 18.44
N ALA A 327 -15.44 30.52 18.81
CA ALA A 327 -16.38 29.67 18.07
C ALA A 327 -17.79 30.25 17.96
N ASP A 328 -18.49 29.87 16.91
CA ASP A 328 -19.92 30.10 16.81
C ASP A 328 -20.62 29.03 17.65
N VAL A 329 -21.23 29.42 18.77
CA VAL A 329 -21.83 28.45 19.70
C VAL A 329 -22.93 27.62 19.05
N ASP A 330 -23.78 28.26 18.24
CA ASP A 330 -24.86 27.54 17.57
C ASP A 330 -24.31 26.37 16.75
N SER A 331 -23.25 26.63 16.00
CA SER A 331 -22.62 25.58 15.17
C SER A 331 -21.96 24.49 16.02
N VAL A 332 -21.33 24.88 17.12
CA VAL A 332 -20.75 23.90 18.03
C VAL A 332 -21.83 22.97 18.58
N VAL A 333 -22.93 23.56 19.01
CA VAL A 333 -24.01 22.78 19.60
C VAL A 333 -24.65 21.83 18.60
N SER A 334 -25.10 22.35 17.46
CA SER A 334 -25.74 21.47 16.49
C SER A 334 -24.77 20.43 15.90
N GLY A 335 -23.56 20.87 15.54
CA GLY A 335 -22.58 19.94 15.00
C GLY A 335 -22.16 18.83 15.96
N THR A 336 -22.03 19.19 17.24
CA THR A 336 -21.66 18.22 18.25
C THR A 336 -22.79 17.25 18.55
N LEU A 337 -24.02 17.76 18.64
CA LEU A 337 -25.17 16.88 18.84
C LEU A 337 -25.27 15.85 17.71
N ARG A 338 -25.17 16.31 16.46
CA ARG A 338 -25.19 15.38 15.35
C ARG A 338 -24.03 14.38 15.38
N SER A 339 -22.81 14.88 15.53
CA SER A 339 -21.64 14.00 15.48
C SER A 339 -21.66 12.95 16.57
N ALA A 340 -22.04 13.35 17.78
CA ALA A 340 -22.04 12.44 18.92
C ALA A 340 -23.18 11.43 18.89
N PHE A 341 -24.35 11.85 18.42
CA PHE A 341 -25.56 11.05 18.67
C PHE A 341 -26.22 10.45 17.44
N GLU A 342 -25.97 11.01 16.26
CA GLU A 342 -26.55 10.43 15.07
C GLU A 342 -26.19 8.95 14.96
N TYR A 343 -27.16 8.16 14.55
CA TYR A 343 -27.04 6.70 14.53
C TYR A 343 -26.52 6.15 15.87
N GLY A 344 -26.97 6.76 16.95
CA GLY A 344 -26.57 6.32 18.29
C GLY A 344 -25.08 6.40 18.58
N GLY A 345 -24.36 7.28 17.88
CA GLY A 345 -22.91 7.40 18.07
C GLY A 345 -22.14 6.21 17.51
N GLN A 346 -22.80 5.40 16.69
CA GLN A 346 -22.20 4.17 16.19
C GLN A 346 -21.45 4.41 14.89
N LYS A 347 -20.49 5.34 14.93
CA LYS A 347 -19.65 5.67 13.80
C LYS A 347 -18.20 5.71 14.24
N CYS A 348 -17.31 5.20 13.40
CA CYS A 348 -15.88 5.31 13.69
C CYS A 348 -15.43 6.77 13.71
N SER A 349 -16.28 7.66 13.21
CA SER A 349 -15.98 9.09 13.08
C SER A 349 -16.69 9.97 14.13
N ALA A 350 -17.59 9.36 14.91
CA ALA A 350 -18.40 10.11 15.88
C ALA A 350 -17.60 10.88 16.92
N CYS A 351 -17.98 12.13 17.19
CA CYS A 351 -17.40 12.88 18.29
C CYS A 351 -17.74 12.22 19.62
N SER A 352 -16.72 11.89 20.41
CA SER A 352 -16.97 11.35 21.75
C SER A 352 -16.24 12.15 22.85
N ARG A 353 -15.34 13.05 22.45
CA ARG A 353 -14.72 13.97 23.42
C ARG A 353 -14.82 15.40 22.94
N LEU A 354 -15.39 16.25 23.77
CA LEU A 354 -15.60 17.64 23.42
C LEU A 354 -14.78 18.52 24.38
N TYR A 355 -14.00 19.43 23.81
CA TYR A 355 -13.15 20.30 24.63
C TYR A 355 -13.68 21.73 24.55
N VAL A 356 -14.02 22.30 25.70
CA VAL A 356 -14.69 23.59 25.75
C VAL A 356 -13.94 24.53 26.67
N PRO A 357 -13.72 25.78 26.23
CA PRO A 357 -13.08 26.75 27.12
C PRO A 357 -14.08 27.22 28.18
N LYS A 358 -13.57 27.47 29.38
CA LYS A 358 -14.40 27.85 30.51
C LYS A 358 -15.35 29.00 30.18
N SER A 359 -14.85 30.00 29.45
CA SER A 359 -15.66 31.18 29.11
C SER A 359 -16.93 30.83 28.36
N LEU A 360 -16.92 29.74 27.60
CA LEU A 360 -18.08 29.37 26.77
C LEU A 360 -18.92 28.25 27.38
N TRP A 361 -18.45 27.69 28.49
CA TRP A 361 -19.11 26.52 29.05
C TRP A 361 -20.56 26.78 29.48
N PRO A 362 -20.83 27.90 30.16
CA PRO A 362 -22.23 28.11 30.56
C PRO A 362 -23.17 28.15 29.35
N GLN A 363 -22.74 28.76 28.26
CA GLN A 363 -23.59 28.75 27.07
C GLN A 363 -23.72 27.34 26.53
N ILE A 364 -22.59 26.70 26.29
CA ILE A 364 -22.61 25.40 25.64
C ILE A 364 -23.30 24.33 26.49
N LYS A 365 -23.05 24.36 27.79
CA LYS A 365 -23.69 23.40 28.69
C LYS A 365 -25.22 23.61 28.66
N GLY A 366 -25.65 24.85 28.79
CA GLY A 366 -27.07 25.15 28.82
C GLY A 366 -27.79 24.76 27.53
N ARG A 367 -27.16 25.06 26.40
CA ARG A 367 -27.73 24.72 25.10
C ARG A 367 -27.72 23.21 24.86
N LEU A 368 -26.60 22.56 25.17
CA LEU A 368 -26.52 21.12 25.03
C LEU A 368 -27.63 20.45 25.85
N LEU A 369 -27.83 20.87 27.09
CA LEU A 369 -28.83 20.22 27.93
C LEU A 369 -30.26 20.50 27.48
N GLU A 370 -30.52 21.70 26.98
CA GLU A 370 -31.86 22.02 26.48
C GLU A 370 -32.19 21.25 25.21
N GLU A 371 -31.28 21.24 24.24
CA GLU A 371 -31.54 20.50 23.00
C GLU A 371 -31.66 19.00 23.26
N HIS A 372 -30.89 18.51 24.23
CA HIS A 372 -30.93 17.11 24.63
C HIS A 372 -32.33 16.67 25.00
N SER A 373 -33.03 17.53 25.74
CA SER A 373 -34.34 17.15 26.22
C SER A 373 -35.33 17.04 25.06
N ARG A 374 -34.95 17.57 23.89
CA ARG A 374 -35.82 17.52 22.72
C ARG A 374 -35.48 16.40 21.74
N ILE A 375 -34.42 15.66 22.03
CA ILE A 375 -34.04 14.55 21.14
C ILE A 375 -35.04 13.40 21.28
N LYS A 376 -35.58 12.94 20.15
CA LYS A 376 -36.50 11.80 20.16
C LYS A 376 -35.78 10.49 19.86
N VAL A 377 -35.83 9.54 20.80
CA VAL A 377 -35.32 8.19 20.54
C VAL A 377 -36.50 7.22 20.42
N GLY A 378 -36.56 6.49 19.31
CA GLY A 378 -37.66 5.58 19.07
C GLY A 378 -37.58 4.84 17.75
N ASP A 379 -38.73 4.34 17.31
CA ASP A 379 -38.85 3.52 16.11
C ASP A 379 -38.71 4.41 14.88
N PRO A 380 -37.65 4.20 14.06
CA PRO A 380 -37.42 5.12 12.96
C PRO A 380 -38.28 4.80 11.74
N ALA A 381 -38.84 3.60 11.71
CA ALA A 381 -39.77 3.23 10.64
C ALA A 381 -41.14 3.86 10.89
N GLU A 382 -41.56 3.85 12.14
CA GLU A 382 -42.92 4.27 12.48
C GLU A 382 -43.02 5.76 12.80
N ASP A 383 -41.91 6.37 13.20
CA ASP A 383 -41.89 7.77 13.61
C ASP A 383 -40.71 8.50 12.97
N PHE A 384 -40.96 9.19 11.86
CA PHE A 384 -39.89 9.94 11.20
C PHE A 384 -39.40 11.13 12.03
N GLY A 385 -40.07 11.39 13.15
CA GLY A 385 -39.61 12.42 14.06
C GLY A 385 -38.38 11.98 14.84
N THR A 386 -38.13 10.67 14.85
CA THR A 386 -37.00 10.07 15.58
C THR A 386 -35.64 10.65 15.16
N PHE A 387 -34.86 11.12 16.13
CA PHE A 387 -33.51 11.59 15.81
C PHE A 387 -32.56 10.42 15.63
N PHE A 388 -32.59 9.48 16.56
CA PHE A 388 -31.86 8.22 16.40
C PHE A 388 -32.57 7.12 17.17
N SER A 389 -32.21 5.87 16.90
CA SER A 389 -32.93 4.71 17.44
C SER A 389 -32.03 3.82 18.29
N ALA A 390 -32.53 2.63 18.60
CA ALA A 390 -31.79 1.62 19.35
C ALA A 390 -30.39 1.36 18.77
N VAL A 391 -29.47 0.95 19.63
CA VAL A 391 -28.15 0.52 19.20
C VAL A 391 -28.24 -0.89 18.64
N ILE A 392 -27.16 -1.35 18.01
CA ILE A 392 -27.28 -2.46 17.06
C ILE A 392 -27.73 -3.80 17.64
N ASP A 393 -27.19 -4.19 18.80
CA ASP A 393 -27.53 -5.49 19.37
C ASP A 393 -27.32 -5.61 20.87
N ALA A 394 -27.62 -6.78 21.42
CA ALA A 394 -27.48 -7.04 22.84
C ALA A 394 -26.05 -6.80 23.35
N LYS A 395 -25.07 -7.24 22.56
CA LYS A 395 -23.68 -7.07 22.90
C LYS A 395 -23.33 -5.57 23.00
N ALA A 396 -23.77 -4.79 22.02
CA ALA A 396 -23.51 -3.36 22.06
C ALA A 396 -24.19 -2.72 23.26
N PHE A 397 -25.44 -3.11 23.49
CA PHE A 397 -26.22 -2.55 24.59
C PHE A 397 -25.46 -2.77 25.90
N ALA A 398 -25.00 -4.00 26.11
CA ALA A 398 -24.28 -4.35 27.33
C ALA A 398 -22.98 -3.55 27.47
N ARG A 399 -22.22 -3.42 26.38
CA ARG A 399 -20.96 -2.68 26.44
C ARG A 399 -21.22 -1.22 26.81
N ILE A 400 -22.23 -0.64 26.15
CA ILE A 400 -22.54 0.76 26.41
C ILE A 400 -23.03 0.96 27.84
N LYS A 401 -23.82 0.03 28.34
CA LYS A 401 -24.30 0.14 29.72
C LYS A 401 -23.13 0.08 30.72
N LYS A 402 -22.12 -0.72 30.41
CA LYS A 402 -20.93 -0.79 31.27
C LYS A 402 -20.26 0.59 31.37
N TRP A 403 -20.23 1.31 30.27
CA TRP A 403 -19.68 2.67 30.29
C TRP A 403 -20.56 3.65 31.09
N LEU A 404 -21.87 3.50 30.99
CA LEU A 404 -22.75 4.39 31.75
C LEU A 404 -22.56 4.13 33.24
N GLU A 405 -22.46 2.86 33.60
CA GLU A 405 -22.21 2.45 34.98
C GLU A 405 -20.85 2.96 35.47
N HIS A 406 -19.86 2.97 34.59
CA HIS A 406 -18.55 3.53 34.94
C HIS A 406 -18.71 5.03 35.20
N ALA A 407 -19.50 5.69 34.37
CA ALA A 407 -19.74 7.12 34.52
C ALA A 407 -20.44 7.44 35.84
N ARG A 408 -21.20 6.49 36.36
CA ARG A 408 -21.84 6.66 37.65
C ARG A 408 -20.90 6.37 38.82
N SER A 409 -19.75 5.76 38.52
CA SER A 409 -18.83 5.32 39.56
C SER A 409 -17.64 6.27 39.70
N SER A 410 -17.11 6.70 38.57
CA SER A 410 -15.85 7.44 38.53
C SER A 410 -15.93 8.75 39.30
N PRO A 411 -14.89 9.06 40.09
CA PRO A 411 -14.92 10.29 40.89
C PRO A 411 -14.84 11.54 40.01
N SER A 412 -14.24 11.41 38.83
CA SER A 412 -14.02 12.55 37.94
CA SER A 412 -14.03 12.57 37.97
C SER A 412 -15.11 12.74 36.90
N LEU A 413 -16.10 11.85 36.88
CA LEU A 413 -17.15 11.91 35.87
C LEU A 413 -18.48 12.30 36.48
N SER A 414 -19.25 13.12 35.78
CA SER A 414 -20.61 13.38 36.21
C SER A 414 -21.56 13.38 35.02
N ILE A 415 -22.63 12.59 35.13
CA ILE A 415 -23.62 12.56 34.07
C ILE A 415 -24.47 13.81 34.16
N LEU A 416 -24.47 14.62 33.11
CA LEU A 416 -25.24 15.87 33.09
C LEU A 416 -26.65 15.67 32.55
N ALA A 417 -26.81 14.70 31.66
CA ALA A 417 -28.12 14.41 31.07
C ALA A 417 -28.12 13.03 30.46
N GLY A 418 -29.27 12.37 30.45
CA GLY A 418 -29.39 11.07 29.82
C GLY A 418 -28.82 9.98 30.71
N GLY A 419 -28.37 8.89 30.11
CA GLY A 419 -27.82 7.81 30.89
C GLY A 419 -28.80 6.67 31.12
N GLN A 420 -30.03 6.83 30.65
CA GLN A 420 -31.03 5.76 30.79
C GLN A 420 -30.90 4.76 29.65
N CYS A 421 -31.31 3.52 29.91
CA CYS A 421 -31.37 2.53 28.86
C CYS A 421 -32.36 1.43 29.22
N ASN A 422 -32.91 0.78 28.19
CA ASN A 422 -34.02 -0.14 28.36
C ASN A 422 -34.04 -1.08 27.17
N GLU A 423 -33.78 -2.37 27.41
CA GLU A 423 -33.70 -3.33 26.30
C GLU A 423 -34.91 -4.25 26.23
N SER A 424 -36.02 -3.86 26.84
CA SER A 424 -37.21 -4.72 26.89
C SER A 424 -37.86 -4.93 25.52
N VAL A 425 -37.81 -3.91 24.67
CA VAL A 425 -38.44 -3.96 23.35
C VAL A 425 -37.39 -3.88 22.23
N GLY A 426 -36.50 -2.89 22.35
CA GLY A 426 -35.35 -2.75 21.47
C GLY A 426 -34.15 -2.39 22.32
N TYR A 427 -32.97 -2.28 21.71
CA TYR A 427 -31.77 -1.98 22.47
C TYR A 427 -31.61 -0.48 22.61
N TYR A 428 -32.52 0.12 23.38
CA TYR A 428 -32.59 1.56 23.47
C TYR A 428 -31.67 2.18 24.54
N VAL A 429 -30.78 3.03 24.08
CA VAL A 429 -29.91 3.80 24.96
C VAL A 429 -30.14 5.29 24.72
N GLU A 430 -30.50 6.02 25.78
CA GLU A 430 -30.70 7.46 25.65
C GLU A 430 -29.37 8.14 25.39
N PRO A 431 -29.37 9.26 24.64
CA PRO A 431 -28.12 10.00 24.49
C PRO A 431 -27.67 10.44 25.86
N CYS A 432 -26.36 10.47 26.07
CA CYS A 432 -25.82 10.76 27.39
C CYS A 432 -24.72 11.80 27.27
N ILE A 433 -24.78 12.81 28.13
CA ILE A 433 -23.75 13.84 28.16
C ILE A 433 -23.08 13.80 29.52
N ILE A 434 -21.76 13.60 29.50
CA ILE A 434 -20.97 13.48 30.73
C ILE A 434 -19.93 14.58 30.77
N GLU A 435 -19.67 15.14 31.94
CA GLU A 435 -18.52 16.01 32.11
C GLU A 435 -17.40 15.27 32.82
N SER A 436 -16.20 15.36 32.27
CA SER A 436 -15.05 14.79 32.98
C SER A 436 -14.16 15.91 33.49
N LYS A 437 -13.78 15.84 34.77
CA LYS A 437 -12.80 16.75 35.34
C LYS A 437 -11.36 16.30 35.02
N ASP A 438 -11.23 15.09 34.49
CA ASP A 438 -9.91 14.51 34.19
C ASP A 438 -9.79 14.33 32.68
N PRO A 439 -8.88 15.07 32.05
CA PRO A 439 -8.79 14.98 30.60
C PRO A 439 -8.19 13.64 30.12
N GLN A 440 -7.66 12.87 31.07
CA GLN A 440 -7.02 11.59 30.78
C GLN A 440 -7.85 10.39 31.25
N GLU A 441 -9.10 10.61 31.63
CA GLU A 441 -9.96 9.52 32.11
C GLU A 441 -10.11 8.48 31.00
N PRO A 442 -10.21 7.18 31.38
CA PRO A 442 -10.42 6.15 30.36
C PRO A 442 -11.59 6.46 29.42
N ILE A 443 -12.62 7.14 29.91
CA ILE A 443 -13.75 7.48 29.03
C ILE A 443 -13.35 8.48 27.94
N MET A 444 -12.27 9.22 28.19
CA MET A 444 -11.71 10.15 27.19
C MET A 444 -10.85 9.43 26.15
N LYS A 445 -10.55 8.16 26.40
CA LYS A 445 -9.57 7.42 25.61
C LYS A 445 -10.14 6.24 24.82
N GLU A 446 -11.14 5.56 25.38
CA GLU A 446 -11.61 4.29 24.84
C GLU A 446 -12.87 4.46 23.99
N GLU A 447 -12.90 3.82 22.83
CA GLU A 447 -14.02 3.96 21.92
C GLU A 447 -15.26 3.21 22.44
N ILE A 448 -16.35 3.93 22.63
CA ILE A 448 -17.57 3.34 23.18
C ILE A 448 -18.54 2.84 22.10
N PHE A 449 -18.57 3.54 20.97
CA PHE A 449 -19.51 3.24 19.89
C PHE A 449 -20.96 3.27 20.41
N GLY A 450 -21.29 4.32 21.14
CA GLY A 450 -22.62 4.51 21.67
C GLY A 450 -22.88 5.99 21.79
N PRO A 451 -24.11 6.37 22.14
CA PRO A 451 -24.47 7.79 22.15
C PRO A 451 -23.96 8.44 23.43
N VAL A 452 -22.64 8.45 23.61
CA VAL A 452 -22.05 8.90 24.87
C VAL A 452 -21.00 9.96 24.62
N LEU A 453 -21.31 11.19 25.01
CA LEU A 453 -20.44 12.32 24.78
C LEU A 453 -19.80 12.75 26.10
N THR A 454 -18.47 12.82 26.14
CA THR A 454 -17.78 13.33 27.32
C THR A 454 -17.20 14.70 27.00
N VAL A 455 -17.35 15.62 27.95
CA VAL A 455 -16.94 17.01 27.79
C VAL A 455 -15.88 17.32 28.82
N TYR A 456 -14.80 17.99 28.39
CA TYR A 456 -13.76 18.45 29.29
C TYR A 456 -13.68 19.97 29.15
N VAL A 457 -13.77 20.68 30.27
CA VAL A 457 -13.73 22.13 30.26
C VAL A 457 -12.33 22.63 30.63
N TYR A 458 -11.71 23.38 29.73
CA TYR A 458 -10.34 23.88 29.94
C TYR A 458 -10.30 25.39 30.17
N PRO A 459 -9.32 25.85 30.96
CA PRO A 459 -9.15 27.29 31.22
C PRO A 459 -8.74 28.00 29.95
N ASP A 460 -9.39 29.11 29.62
CA ASP A 460 -9.14 29.78 28.36
C ASP A 460 -7.65 29.97 28.08
N ASP A 461 -6.89 30.34 29.10
CA ASP A 461 -5.49 30.71 28.91
C ASP A 461 -4.61 29.48 28.72
N LYS A 462 -5.22 28.29 28.82
CA LYS A 462 -4.48 27.05 28.64
C LYS A 462 -4.87 26.36 27.34
N TYR A 463 -5.32 27.11 26.35
CA TYR A 463 -5.78 26.47 25.12
C TYR A 463 -4.63 25.73 24.42
N ARG A 464 -3.41 26.25 24.52
CA ARG A 464 -2.31 25.60 23.80
C ARG A 464 -1.98 24.26 24.46
N GLU A 465 -1.86 24.25 25.78
CA GLU A 465 -1.63 23.00 26.51
C GLU A 465 -2.77 22.01 26.22
N THR A 466 -3.98 22.53 26.08
CA THR A 466 -5.13 21.67 25.84
C THR A 466 -5.09 21.07 24.43
N LEU A 467 -4.69 21.88 23.44
CA LEU A 467 -4.48 21.35 22.09
C LEU A 467 -3.51 20.18 22.13
N LYS A 468 -2.43 20.34 22.89
CA LYS A 468 -1.44 19.26 23.02
C LYS A 468 -2.08 18.01 23.61
N LEU A 469 -2.98 18.20 24.59
CA LEU A 469 -3.71 17.08 25.18
C LEU A 469 -4.65 16.41 24.18
N VAL A 470 -5.29 17.18 23.32
CA VAL A 470 -6.11 16.59 22.26
C VAL A 470 -5.27 15.59 21.46
N ASP A 471 -4.05 16.00 21.13
CA ASP A 471 -3.17 15.19 20.28
C ASP A 471 -2.66 13.93 20.99
N SER A 472 -2.33 14.06 22.29
CA SER A 472 -1.55 13.06 23.01
C SER A 472 -2.37 12.08 23.87
N THR A 473 -3.63 12.41 24.12
CA THR A 473 -4.42 11.62 25.07
C THR A 473 -4.76 10.21 24.62
N THR A 474 -5.12 10.03 23.36
CA THR A 474 -5.64 8.75 22.89
C THR A 474 -4.67 8.08 21.91
N SER A 475 -4.99 6.85 21.54
CA SER A 475 -4.16 6.07 20.63
C SER A 475 -4.61 6.23 19.20
N TYR A 476 -5.67 7.02 18.98
CA TYR A 476 -6.33 7.05 17.68
C TYR A 476 -6.03 8.31 16.86
N GLY A 477 -6.38 8.25 15.58
CA GLY A 477 -6.07 9.36 14.68
C GLY A 477 -7.03 9.50 13.52
N LEU A 478 -8.33 9.31 13.79
CA LEU A 478 -9.30 9.25 12.70
C LEU A 478 -9.94 10.60 12.38
N THR A 479 -10.90 11.06 13.17
CA THR A 479 -11.48 12.36 12.86
C THR A 479 -11.36 13.36 13.99
N GLY A 480 -11.48 14.63 13.65
CA GLY A 480 -11.45 15.70 14.63
C GLY A 480 -11.93 16.98 14.00
N ALA A 481 -12.50 17.86 14.83
CA ALA A 481 -12.98 19.15 14.37
C ALA A 481 -12.46 20.24 15.29
N VAL A 482 -12.12 21.39 14.71
CA VAL A 482 -11.86 22.59 15.51
C VAL A 482 -12.88 23.64 15.16
N PHE A 483 -13.50 24.24 16.18
CA PHE A 483 -14.45 25.32 15.99
C PHE A 483 -13.80 26.61 16.49
N ALA A 484 -13.64 27.57 15.58
CA ALA A 484 -13.00 28.84 15.89
C ALA A 484 -13.21 29.82 14.75
N GLN A 485 -13.27 31.11 15.06
CA GLN A 485 -13.42 32.13 14.02
C GLN A 485 -12.20 33.05 13.95
N ASP A 486 -11.12 32.60 14.57
CA ASP A 486 -9.87 33.35 14.57
C ASP A 486 -8.86 32.63 13.66
N LYS A 487 -8.39 33.31 12.63
CA LYS A 487 -7.56 32.66 11.61
C LYS A 487 -6.24 32.12 12.17
N ALA A 488 -5.58 32.92 13.01
CA ALA A 488 -4.31 32.48 13.59
C ALA A 488 -4.49 31.23 14.45
N ILE A 489 -5.58 31.18 15.21
CA ILE A 489 -5.89 30.00 16.02
C ILE A 489 -6.11 28.80 15.12
N VAL A 490 -6.89 29.00 14.06
CA VAL A 490 -7.17 27.90 13.14
C VAL A 490 -5.87 27.38 12.50
N GLN A 491 -4.99 28.30 12.10
CA GLN A 491 -3.71 27.90 11.50
C GLN A 491 -2.82 27.15 12.48
N GLU A 492 -2.77 27.64 13.71
CA GLU A 492 -1.98 27.02 14.77
C GLU A 492 -2.54 25.64 15.10
N ALA A 493 -3.85 25.55 15.30
CA ALA A 493 -4.49 24.28 15.61
C ALA A 493 -4.29 23.24 14.50
N THR A 494 -4.36 23.68 13.25
CA THR A 494 -4.23 22.78 12.13
C THR A 494 -2.85 22.14 12.15
N ARG A 495 -1.82 22.95 12.40
CA ARG A 495 -0.46 22.47 12.50
CA ARG A 495 -0.46 22.43 12.48
C ARG A 495 -0.32 21.45 13.63
N MET A 496 -0.80 21.82 14.81
CA MET A 496 -0.62 21.00 15.99
C MET A 496 -1.35 19.66 15.93
N LEU A 497 -2.50 19.64 15.24
CA LEU A 497 -3.32 18.44 15.21
C LEU A 497 -3.10 17.64 13.92
N ARG A 498 -2.01 17.94 13.21
CA ARG A 498 -1.73 17.35 11.92
C ARG A 498 -1.86 15.83 11.87
N ASN A 499 -1.46 15.17 12.95
CA ASN A 499 -1.51 13.71 13.02
C ASN A 499 -2.52 13.19 14.03
N ALA A 500 -3.28 14.10 14.64
CA ALA A 500 -4.38 13.71 15.52
C ALA A 500 -5.63 13.27 14.74
N ALA A 501 -5.69 13.58 13.45
CA ALA A 501 -6.89 13.33 12.65
C ALA A 501 -6.57 13.19 11.16
N GLY A 502 -6.99 12.08 10.56
CA GLY A 502 -6.84 11.87 9.13
C GLY A 502 -7.94 12.58 8.36
N ASN A 503 -9.08 12.78 9.01
CA ASN A 503 -10.15 13.62 8.47
C ASN A 503 -10.40 14.76 9.45
N PHE A 504 -9.96 15.95 9.08
CA PHE A 504 -9.90 17.08 10.01
C PHE A 504 -10.85 18.18 9.51
N TYR A 505 -11.63 18.73 10.44
CA TYR A 505 -12.69 19.64 10.06
C TYR A 505 -12.55 20.96 10.77
N ILE A 506 -12.71 22.04 10.01
CA ILE A 506 -12.73 23.39 10.58
CA ILE A 506 -12.72 23.38 10.58
C ILE A 506 -14.16 23.90 10.51
N ASN A 507 -14.74 24.16 11.66
CA ASN A 507 -16.13 24.64 11.73
C ASN A 507 -17.15 23.71 11.05
N ASP A 508 -16.96 22.41 11.21
CA ASP A 508 -17.96 21.45 10.77
C ASP A 508 -17.85 20.20 11.65
N LYS A 509 -18.88 19.36 11.63
CA LYS A 509 -18.87 18.18 12.50
C LYS A 509 -17.89 17.12 11.99
N SER A 510 -17.47 16.24 12.90
CA SER A 510 -16.44 15.24 12.60
C SER A 510 -16.95 14.02 11.83
N THR A 511 -18.25 13.95 11.58
CA THR A 511 -18.82 12.82 10.85
C THR A 511 -19.28 13.25 9.46
N GLY A 512 -19.60 12.27 8.61
CA GLY A 512 -20.26 12.55 7.35
C GLY A 512 -19.37 12.83 6.15
N SER A 513 -18.17 12.24 6.13
CA SER A 513 -17.29 12.35 4.96
C SER A 513 -18.06 11.95 3.72
N VAL A 514 -17.79 12.63 2.61
CA VAL A 514 -18.49 12.34 1.36
C VAL A 514 -17.52 11.91 0.28
N VAL A 515 -17.84 10.83 -0.40
CA VAL A 515 -16.95 10.26 -1.41
C VAL A 515 -16.51 11.33 -2.42
N GLY A 516 -15.20 11.35 -2.73
CA GLY A 516 -14.68 12.29 -3.70
C GLY A 516 -14.46 13.69 -3.16
N GLN A 517 -14.92 13.94 -1.94
CA GLN A 517 -14.80 15.26 -1.31
C GLN A 517 -13.93 15.20 -0.08
N GLN A 518 -14.21 14.23 0.80
CA GLN A 518 -13.35 13.95 1.94
C GLN A 518 -13.05 12.46 1.99
N PRO A 519 -12.04 12.03 1.23
CA PRO A 519 -11.57 10.64 1.35
C PRO A 519 -11.34 10.32 2.82
N PHE A 520 -11.72 9.12 3.23
CA PHE A 520 -11.87 8.83 4.65
C PHE A 520 -10.88 7.82 5.18
N GLY A 521 -10.32 8.14 6.35
CA GLY A 521 -9.41 7.27 7.05
C GLY A 521 -8.37 8.02 7.85
N GLY A 522 -7.73 7.32 8.78
CA GLY A 522 -6.69 7.93 9.59
C GLY A 522 -5.67 6.91 10.04
N ALA A 523 -4.56 7.41 10.56
CA ALA A 523 -3.47 6.54 11.00
C ALA A 523 -3.47 6.37 12.51
N ARG A 524 -2.29 6.35 13.12
CA ARG A 524 -2.16 5.90 14.50
C ARG A 524 -2.89 4.54 14.65
N ALA A 525 -3.65 4.32 15.72
CA ALA A 525 -4.32 3.01 15.87
C ALA A 525 -5.57 2.84 15.00
N SER A 526 -5.91 3.87 14.22
CA SER A 526 -7.14 3.87 13.44
C SER A 526 -7.07 3.08 12.13
N GLY A 527 -5.88 2.60 11.78
CA GLY A 527 -5.75 1.70 10.65
C GLY A 527 -4.63 2.01 9.68
N THR A 528 -4.71 1.41 8.51
CA THR A 528 -3.67 1.53 7.47
C THR A 528 -3.87 2.78 6.61
N ASN A 529 -5.00 3.46 6.79
CA ASN A 529 -5.28 4.72 6.08
C ASN A 529 -5.14 4.65 4.55
N ASP A 530 -5.91 3.79 3.91
CA ASP A 530 -5.84 3.67 2.46
C ASP A 530 -6.80 4.64 1.74
N LYS A 531 -7.50 5.46 2.54
CA LYS A 531 -8.37 6.52 2.02
C LYS A 531 -9.41 6.08 0.98
N PRO A 532 -10.24 5.10 1.34
CA PRO A 532 -11.41 4.84 0.51
C PRO A 532 -12.21 6.14 0.38
N GLY A 533 -12.77 6.39 -0.79
CA GLY A 533 -13.43 7.65 -1.07
C GLY A 533 -12.53 8.55 -1.91
N GLY A 534 -11.24 8.20 -1.98
CA GLY A 534 -10.29 8.95 -2.79
C GLY A 534 -9.74 8.15 -3.96
N PRO A 535 -8.92 8.82 -4.80
CA PRO A 535 -8.48 8.23 -6.08
C PRO A 535 -7.38 7.18 -5.95
N HIS A 536 -6.81 6.98 -4.77
CA HIS A 536 -5.68 6.07 -4.63
C HIS A 536 -6.05 4.72 -4.02
N TYR A 537 -7.21 4.66 -3.40
CA TYR A 537 -7.67 3.42 -2.74
C TYR A 537 -7.56 2.17 -3.62
N ILE A 538 -8.00 2.27 -4.88
CA ILE A 538 -8.01 1.10 -5.76
C ILE A 538 -6.60 0.56 -6.03
N LEU A 539 -5.58 1.40 -5.83
CA LEU A 539 -4.21 0.97 -6.01
C LEU A 539 -3.79 -0.19 -5.10
N ARG A 540 -4.45 -0.33 -3.95
CA ARG A 540 -4.10 -1.42 -3.05
C ARG A 540 -4.53 -2.75 -3.68
N TRP A 541 -5.47 -2.70 -4.63
CA TRP A 541 -6.09 -3.93 -5.15
C TRP A 541 -5.64 -4.26 -6.57
N THR A 542 -4.57 -3.62 -7.01
CA THR A 542 -3.92 -3.95 -8.28
C THR A 542 -2.43 -4.18 -8.04
N SER A 543 -1.87 -5.11 -8.81
CA SER A 543 -0.46 -5.40 -8.79
C SER A 543 0.01 -5.23 -10.23
N PRO A 544 0.54 -4.05 -10.55
CA PRO A 544 0.76 -3.73 -11.97
C PRO A 544 1.83 -4.59 -12.64
N GLN A 545 1.64 -4.81 -13.94
CA GLN A 545 2.64 -5.45 -14.80
C GLN A 545 3.01 -4.44 -15.87
N VAL A 546 4.29 -4.33 -16.18
CA VAL A 546 4.70 -3.48 -17.29
C VAL A 546 5.21 -4.32 -18.43
N ILE A 547 4.65 -4.10 -19.61
CA ILE A 547 5.08 -4.81 -20.81
C ILE A 547 5.84 -3.88 -21.72
N LYS A 548 7.06 -4.28 -22.08
CA LYS A 548 7.86 -3.54 -23.07
C LYS A 548 7.98 -4.40 -24.31
N GLU A 549 7.51 -3.87 -25.44
CA GLU A 549 7.71 -4.54 -26.73
C GLU A 549 8.72 -3.76 -27.57
N THR A 550 9.75 -4.44 -28.02
CA THR A 550 10.77 -3.80 -28.83
C THR A 550 10.56 -4.23 -30.27
N HIS A 551 10.52 -3.25 -31.17
CA HIS A 551 10.05 -3.47 -32.54
C HIS A 551 11.16 -3.61 -33.56
N LYS A 552 12.41 -3.54 -33.10
CA LYS A 552 13.56 -3.76 -33.97
C LYS A 552 14.45 -4.83 -33.37
N PRO A 553 15.13 -5.62 -34.22
CA PRO A 553 16.03 -6.67 -33.72
C PRO A 553 17.10 -6.07 -32.82
N LEU A 554 17.57 -6.85 -31.87
CA LEU A 554 18.58 -6.38 -30.94
C LEU A 554 19.94 -6.40 -31.62
N GLY A 555 20.84 -5.53 -31.17
CA GLY A 555 22.18 -5.46 -31.74
C GLY A 555 23.10 -6.53 -31.19
N ASP A 556 24.40 -6.29 -31.25
CA ASP A 556 25.38 -7.19 -30.67
C ASP A 556 25.32 -7.08 -29.15
N TRP A 557 25.77 -8.12 -28.45
CA TRP A 557 25.79 -8.10 -26.99
C TRP A 557 26.90 -7.18 -26.46
N ARG A 558 27.92 -6.96 -27.28
CA ARG A 558 29.02 -6.07 -26.91
C ARG A 558 28.59 -4.61 -26.92
N TYR A 559 29.41 -3.74 -26.33
CA TYR A 559 29.16 -2.31 -26.34
C TYR A 559 30.34 -1.63 -27.03
N SER A 560 30.09 -0.49 -27.69
CA SER A 560 31.15 0.18 -28.44
C SER A 560 32.35 0.62 -27.59
N TYR A 561 32.12 0.94 -26.32
CA TYR A 561 33.23 1.42 -25.49
C TYR A 561 34.25 0.30 -25.22
N MET A 562 33.81 -0.94 -25.37
CA MET A 562 34.66 -2.11 -25.11
C MET A 562 35.66 -2.35 -26.23
N GLN A 563 35.41 -1.75 -27.38
CA GLN A 563 36.23 -1.99 -28.56
C GLN A 563 37.47 -1.11 -28.53
N SER B 19 -15.14 33.95 4.80
CA SER B 19 -13.73 34.09 4.41
C SER B 19 -12.93 32.85 4.77
N HIS B 20 -12.09 32.39 3.85
CA HIS B 20 -11.31 31.17 4.05
C HIS B 20 -10.14 31.40 5.01
N MET B 21 -10.11 30.66 6.11
CA MET B 21 -9.01 30.82 7.06
C MET B 21 -7.78 30.02 6.64
N LEU B 22 -8.00 28.86 6.02
CA LEU B 22 -6.89 28.14 5.39
C LEU B 22 -6.79 28.51 3.92
N ARG B 23 -5.61 28.97 3.52
CA ARG B 23 -5.36 29.37 2.15
C ARG B 23 -4.34 28.42 1.54
N TRP B 24 -4.70 27.77 0.44
CA TRP B 24 -3.84 26.77 -0.17
C TRP B 24 -3.15 27.31 -1.42
N LYS B 25 -1.82 27.25 -1.43
CA LYS B 25 -1.03 27.77 -2.54
C LYS B 25 -1.22 26.90 -3.78
N HIS B 26 -1.17 27.53 -4.94
CA HIS B 26 -1.25 26.81 -6.20
C HIS B 26 -0.05 25.86 -6.29
N THR B 27 -0.20 24.75 -7.00
CA THR B 27 0.88 23.80 -7.14
C THR B 27 1.57 23.96 -8.49
N SER B 28 2.87 23.66 -8.52
CA SER B 28 3.66 23.80 -9.73
C SER B 28 3.80 22.45 -10.44
N SER B 29 4.41 22.48 -11.61
CA SER B 29 4.68 21.25 -12.35
C SER B 29 6.17 21.14 -12.58
N LEU B 30 6.64 19.97 -12.98
CA LEU B 30 8.06 19.75 -13.18
C LEU B 30 8.31 19.04 -14.50
N LYS B 31 9.21 19.58 -15.30
CA LYS B 31 9.58 18.92 -16.54
C LYS B 31 10.91 18.20 -16.35
N VAL B 32 10.87 16.87 -16.42
CA VAL B 32 12.09 16.06 -16.38
C VAL B 32 12.10 15.02 -17.49
N ALA B 33 13.29 14.57 -17.85
CA ALA B 33 13.45 13.53 -18.84
C ALA B 33 14.53 12.56 -18.35
N ASN B 34 14.54 11.37 -18.92
CA ASN B 34 15.55 10.41 -18.53
C ASN B 34 16.95 10.95 -18.76
N GLU B 35 17.86 10.60 -17.85
CA GLU B 35 19.26 10.99 -18.00
C GLU B 35 19.88 10.24 -19.17
N PRO B 36 20.48 10.96 -20.13
CA PRO B 36 21.08 10.28 -21.27
C PRO B 36 22.24 9.36 -20.89
N ILE B 37 22.27 8.16 -21.46
CA ILE B 37 23.40 7.28 -21.25
C ILE B 37 24.59 7.73 -22.09
N LEU B 38 25.76 7.83 -21.46
CA LEU B 38 26.97 8.23 -22.15
C LEU B 38 27.66 7.05 -22.84
N ALA B 39 28.49 7.35 -23.84
CA ALA B 39 29.11 6.32 -24.69
C ALA B 39 30.51 5.88 -24.24
N PHE B 40 31.24 6.77 -23.58
CA PHE B 40 32.60 6.48 -23.14
C PHE B 40 33.49 6.02 -24.28
N SER B 41 33.35 6.65 -25.45
CA SER B 41 34.24 6.38 -26.57
C SER B 41 35.64 6.90 -26.29
N GLN B 42 36.62 6.35 -26.98
CA GLN B 42 38.00 6.79 -26.84
C GLN B 42 38.08 8.30 -27.07
N GLY B 43 38.80 8.98 -26.19
CA GLY B 43 39.02 10.41 -26.33
C GLY B 43 37.90 11.27 -25.78
N SER B 44 36.82 10.63 -25.34
CA SER B 44 35.68 11.37 -24.82
C SER B 44 35.98 11.90 -23.41
N PRO B 45 35.37 13.03 -23.05
CA PRO B 45 35.60 13.60 -21.72
C PRO B 45 35.18 12.66 -20.59
N GLU B 46 34.04 11.98 -20.73
CA GLU B 46 33.58 11.11 -19.66
C GLU B 46 34.50 9.90 -19.49
N ARG B 47 35.09 9.41 -20.57
CA ARG B 47 36.02 8.29 -20.47
C ARG B 47 37.29 8.73 -19.75
N ASP B 48 37.77 9.94 -20.04
CA ASP B 48 38.95 10.43 -19.36
C ASP B 48 38.67 10.74 -17.90
N ALA B 49 37.49 11.29 -17.64
CA ALA B 49 37.08 11.58 -16.27
C ALA B 49 36.95 10.30 -15.47
N LEU B 50 36.42 9.25 -16.10
CA LEU B 50 36.25 7.97 -15.41
C LEU B 50 37.60 7.33 -15.13
N GLN B 51 38.51 7.40 -16.09
CA GLN B 51 39.81 6.79 -15.88
C GLN B 51 40.55 7.50 -14.74
N LYS B 52 40.37 8.81 -14.65
CA LYS B 52 40.93 9.57 -13.54
C LYS B 52 40.30 9.18 -12.21
N ALA B 53 38.97 9.07 -12.18
CA ALA B 53 38.27 8.68 -10.97
C ALA B 53 38.67 7.27 -10.54
N LEU B 54 38.94 6.40 -11.51
CA LEU B 54 39.41 5.05 -11.19
C LEU B 54 40.81 5.08 -10.58
N LYS B 55 41.68 5.91 -11.15
CA LYS B 55 43.03 6.06 -10.60
C LYS B 55 42.98 6.65 -9.19
N ASP B 56 42.05 7.57 -8.96
CA ASP B 56 41.86 8.17 -7.64
C ASP B 56 41.59 7.10 -6.58
N LEU B 57 41.09 5.93 -7.00
CA LEU B 57 40.73 4.87 -6.06
C LEU B 57 41.81 3.80 -5.91
N LYS B 58 42.70 3.69 -6.89
CA LYS B 58 43.74 2.67 -6.83
C LYS B 58 44.56 2.81 -5.55
N GLY B 59 44.63 1.72 -4.79
CA GLY B 59 45.45 1.70 -3.59
C GLY B 59 44.83 2.45 -2.41
N GLN B 60 43.61 2.97 -2.57
CA GLN B 60 42.97 3.75 -1.51
C GLN B 60 41.98 2.94 -0.66
N THR B 61 41.99 3.22 0.63
CA THR B 61 40.97 2.75 1.55
C THR B 61 40.26 3.93 2.21
N GLU B 62 38.95 4.04 2.04
CA GLU B 62 38.22 5.11 2.69
C GLU B 62 37.66 4.66 4.04
N ALA B 63 37.88 5.46 5.06
CA ALA B 63 37.32 5.20 6.38
C ALA B 63 35.94 5.86 6.45
N ILE B 64 34.91 5.04 6.40
CA ILE B 64 33.54 5.52 6.33
C ILE B 64 32.84 5.37 7.69
N PRO B 65 32.54 6.51 8.33
CA PRO B 65 31.91 6.43 9.65
C PRO B 65 30.40 6.27 9.55
N CYS B 66 29.74 5.90 10.64
CA CYS B 66 28.31 6.09 10.73
C CYS B 66 28.08 7.58 10.85
N VAL B 67 26.96 8.06 10.31
CA VAL B 67 26.61 9.47 10.44
C VAL B 67 25.24 9.60 11.08
N VAL B 68 25.21 10.27 12.23
CA VAL B 68 23.96 10.56 12.92
C VAL B 68 23.89 12.08 13.09
N GLY B 69 22.89 12.70 12.46
CA GLY B 69 22.86 14.14 12.31
C GLY B 69 24.04 14.54 11.43
N ASP B 70 24.94 15.35 11.99
CA ASP B 70 26.19 15.67 11.31
C ASP B 70 27.41 15.05 12.00
N GLU B 71 27.15 14.24 13.01
CA GLU B 71 28.25 13.64 13.77
C GLU B 71 28.72 12.37 13.10
N GLU B 72 30.04 12.25 12.93
CA GLU B 72 30.65 11.03 12.42
C GLU B 72 31.03 10.16 13.60
N VAL B 73 30.48 8.95 13.62
CA VAL B 73 30.63 8.06 14.77
C VAL B 73 31.33 6.75 14.42
N TRP B 74 32.26 6.33 15.29
CA TRP B 74 32.92 5.04 15.14
C TRP B 74 32.58 4.11 16.30
N THR B 75 32.29 2.86 15.98
CA THR B 75 32.19 1.82 17.00
C THR B 75 33.36 0.87 16.85
N SER B 76 33.42 -0.11 17.75
CA SER B 76 34.49 -1.12 17.74
C SER B 76 34.30 -2.20 16.68
N ASP B 77 33.10 -2.27 16.11
CA ASP B 77 32.80 -3.33 15.15
C ASP B 77 33.29 -2.93 13.76
N ILE B 78 34.59 -2.99 13.58
CA ILE B 78 35.22 -2.58 12.34
C ILE B 78 34.99 -3.59 11.24
N GLN B 79 34.66 -3.09 10.05
CA GLN B 79 34.35 -3.95 8.91
C GLN B 79 35.09 -3.45 7.67
N TYR B 80 35.39 -4.35 6.74
CA TYR B 80 35.99 -3.95 5.48
C TYR B 80 35.17 -4.33 4.25
N GLN B 81 35.15 -3.44 3.27
CA GLN B 81 34.63 -3.76 1.96
C GLN B 81 35.80 -4.03 1.02
N LEU B 82 35.73 -5.15 0.29
CA LEU B 82 36.83 -5.56 -0.60
C LEU B 82 36.46 -5.40 -2.06
N SER B 83 37.46 -5.17 -2.91
CA SER B 83 37.21 -5.08 -4.35
C SER B 83 37.02 -6.48 -4.91
N PRO B 84 35.83 -6.75 -5.46
CA PRO B 84 35.53 -8.16 -5.82
C PRO B 84 36.54 -8.77 -6.77
N PHE B 85 37.13 -7.98 -7.66
CA PHE B 85 38.06 -8.53 -8.64
C PHE B 85 39.52 -8.47 -8.15
N ASN B 86 39.70 -7.94 -6.94
CA ASN B 86 41.02 -7.88 -6.33
C ASN B 86 40.83 -7.75 -4.82
N HIS B 87 40.44 -8.85 -4.19
CA HIS B 87 39.99 -8.79 -2.82
C HIS B 87 41.11 -8.45 -1.83
N ALA B 88 42.35 -8.35 -2.33
CA ALA B 88 43.44 -7.86 -1.51
C ALA B 88 43.26 -6.37 -1.26
N HIS B 89 42.54 -5.72 -2.17
CA HIS B 89 42.25 -4.29 -2.03
C HIS B 89 41.05 -4.05 -1.12
N LYS B 90 41.30 -3.50 0.06
CA LYS B 90 40.20 -3.09 0.93
C LYS B 90 39.82 -1.68 0.53
N VAL B 91 38.66 -1.53 -0.09
CA VAL B 91 38.31 -0.22 -0.65
C VAL B 91 37.73 0.69 0.42
N ALA B 92 37.19 0.09 1.47
CA ALA B 92 36.63 0.88 2.56
C ALA B 92 36.75 0.16 3.90
N LYS B 93 36.96 0.95 4.95
CA LYS B 93 36.86 0.49 6.32
C LYS B 93 35.65 1.20 6.88
N PHE B 94 34.72 0.45 7.45
CA PHE B 94 33.53 1.06 8.04
C PHE B 94 33.24 0.37 9.36
N CYS B 95 32.14 0.71 10.02
CA CYS B 95 31.81 0.03 11.26
C CYS B 95 30.31 -0.21 11.37
N TYR B 96 29.94 -1.23 12.13
CA TYR B 96 28.52 -1.48 12.40
C TYR B 96 28.04 -0.62 13.56
N ALA B 97 26.94 0.10 13.36
CA ALA B 97 26.31 0.82 14.46
C ALA B 97 25.86 -0.17 15.51
N ASP B 98 26.10 0.14 16.79
CA ASP B 98 25.57 -0.70 17.85
C ASP B 98 24.12 -0.32 18.15
N LYS B 99 23.46 -1.07 19.03
CA LYS B 99 22.04 -0.83 19.25
C LYS B 99 21.83 0.55 19.90
N ALA B 100 22.77 0.95 20.74
CA ALA B 100 22.70 2.26 21.38
C ALA B 100 22.73 3.39 20.35
N LEU B 101 23.65 3.26 19.39
CA LEU B 101 23.77 4.28 18.36
C LEU B 101 22.52 4.29 17.47
N LEU B 102 22.04 3.10 17.10
CA LEU B 102 20.82 3.01 16.31
C LEU B 102 19.65 3.70 17.02
N ASN B 103 19.51 3.47 18.32
CA ASN B 103 18.41 4.09 19.05
C ASN B 103 18.58 5.60 19.18
N ARG B 104 19.84 6.03 19.29
CA ARG B 104 20.11 7.45 19.32
C ARG B 104 19.78 8.07 17.96
N ALA B 105 20.07 7.35 16.89
CA ALA B 105 19.77 7.79 15.53
C ALA B 105 18.27 7.94 15.35
N ILE B 106 17.53 6.97 15.87
CA ILE B 106 16.07 7.03 15.86
C ILE B 106 15.61 8.27 16.61
N ASP B 107 16.10 8.47 17.83
CA ASP B 107 15.63 9.60 18.63
C ASP B 107 15.88 10.94 17.90
N ALA B 108 17.07 11.10 17.35
CA ALA B 108 17.41 12.35 16.65
C ALA B 108 16.59 12.55 15.36
N ALA B 109 16.32 11.46 14.65
CA ALA B 109 15.51 11.56 13.43
C ALA B 109 14.09 11.98 13.78
N LEU B 110 13.54 11.34 14.80
CA LEU B 110 12.19 11.69 15.27
C LEU B 110 12.09 13.16 15.67
N ALA B 111 13.13 13.67 16.32
CA ALA B 111 13.10 15.07 16.77
C ALA B 111 13.24 16.04 15.60
N ALA B 112 13.64 15.54 14.44
CA ALA B 112 13.82 16.38 13.28
C ALA B 112 12.64 16.31 12.33
N ARG B 113 11.76 15.32 12.55
CA ARG B 113 10.74 14.96 11.57
C ARG B 113 9.66 16.01 11.32
N LYS B 114 9.13 16.60 12.38
CA LYS B 114 7.99 17.51 12.21
C LYS B 114 8.32 18.68 11.29
N GLU B 115 9.46 19.33 11.53
CA GLU B 115 9.92 20.44 10.70
C GLU B 115 10.09 20.02 9.24
N TRP B 116 10.64 18.83 9.03
CA TRP B 116 10.94 18.35 7.68
C TRP B 116 9.64 18.03 6.95
N ASP B 117 8.71 17.42 7.68
CA ASP B 117 7.40 17.07 7.13
C ASP B 117 6.61 18.32 6.75
N LEU B 118 6.78 19.39 7.52
CA LEU B 118 6.06 20.65 7.29
C LEU B 118 6.69 21.48 6.17
N LYS B 119 7.91 21.13 5.76
CA LYS B 119 8.53 21.81 4.62
C LYS B 119 7.67 21.57 3.40
N PRO B 120 7.49 22.61 2.56
CA PRO B 120 6.77 22.38 1.30
C PRO B 120 7.40 21.25 0.48
N MET B 121 6.55 20.42 -0.11
CA MET B 121 7.01 19.32 -0.96
C MET B 121 8.05 19.79 -1.97
N ALA B 122 7.85 20.99 -2.51
CA ALA B 122 8.73 21.52 -3.57
C ALA B 122 10.12 21.83 -3.04
N ASP B 123 10.20 22.25 -1.77
CA ASP B 123 11.48 22.51 -1.13
C ASP B 123 12.25 21.20 -0.89
N ARG B 124 11.53 20.16 -0.49
CA ARG B 124 12.17 18.86 -0.27
C ARG B 124 12.67 18.29 -1.60
N ALA B 125 11.86 18.45 -2.63
CA ALA B 125 12.20 17.96 -3.97
C ALA B 125 13.47 18.62 -4.50
N GLN B 126 13.65 19.90 -4.18
CA GLN B 126 14.81 20.65 -4.66
C GLN B 126 16.13 19.98 -4.26
N VAL B 127 16.14 19.33 -3.10
CA VAL B 127 17.33 18.65 -2.62
C VAL B 127 17.68 17.53 -3.60
N PHE B 128 16.67 16.78 -4.01
CA PHE B 128 16.92 15.62 -4.88
C PHE B 128 17.25 16.04 -6.31
N LEU B 129 16.69 17.16 -6.74
CA LEU B 129 16.97 17.69 -8.08
C LEU B 129 18.39 18.22 -8.14
N LYS B 130 18.81 18.87 -7.07
CA LYS B 130 20.19 19.34 -6.94
C LYS B 130 21.17 18.15 -6.90
N ALA B 131 20.84 17.16 -6.08
CA ALA B 131 21.65 15.94 -6.00
C ALA B 131 21.74 15.23 -7.35
N ALA B 132 20.64 15.20 -8.08
CA ALA B 132 20.61 14.59 -9.42
C ALA B 132 21.53 15.34 -10.40
N ASP B 133 21.53 16.66 -10.35
CA ASP B 133 22.44 17.42 -11.22
C ASP B 133 23.90 17.16 -10.89
N MET B 134 24.22 17.03 -9.60
CA MET B 134 25.58 16.80 -9.17
C MET B 134 26.07 15.47 -9.70
N LEU B 135 25.22 14.46 -9.55
CA LEU B 135 25.52 13.11 -9.99
C LEU B 135 25.65 13.09 -11.50
N SER B 136 24.82 13.88 -12.18
CA SER B 136 24.85 13.94 -13.64
C SER B 136 26.18 14.48 -14.13
N GLY B 137 26.69 15.49 -13.43
CA GLY B 137 27.84 16.23 -13.90
C GLY B 137 29.09 15.95 -13.10
N PRO B 138 29.44 16.85 -12.18
CA PRO B 138 30.74 16.83 -11.50
C PRO B 138 30.98 15.57 -10.67
N ARG B 139 29.93 14.89 -10.23
CA ARG B 139 30.11 13.70 -9.38
C ARG B 139 29.95 12.38 -10.12
N ARG B 140 29.67 12.44 -11.41
CA ARG B 140 29.38 11.22 -12.16
C ARG B 140 30.55 10.24 -12.14
N ALA B 141 31.73 10.72 -12.47
CA ALA B 141 32.90 9.85 -12.55
C ALA B 141 33.17 9.19 -11.21
N GLU B 142 33.01 9.96 -10.14
CA GLU B 142 33.22 9.45 -8.80
C GLU B 142 32.29 8.28 -8.47
N VAL B 143 30.99 8.45 -8.66
CA VAL B 143 30.06 7.39 -8.26
C VAL B 143 30.17 6.17 -9.16
N LEU B 144 30.42 6.38 -10.44
CA LEU B 144 30.73 5.30 -11.37
C LEU B 144 31.96 4.50 -10.91
N ALA B 145 33.05 5.20 -10.66
CA ALA B 145 34.30 4.53 -10.27
C ALA B 145 34.14 3.76 -8.96
N LYS B 146 33.46 4.36 -7.99
CA LYS B 146 33.29 3.69 -6.70
C LYS B 146 32.40 2.47 -6.84
N THR B 147 31.46 2.54 -7.78
CA THR B 147 30.61 1.39 -8.06
C THR B 147 31.39 0.30 -8.81
N MET B 148 32.26 0.68 -9.73
CA MET B 148 33.07 -0.32 -10.43
C MET B 148 34.03 -1.03 -9.48
N VAL B 149 34.78 -0.26 -8.70
CA VAL B 149 35.83 -0.81 -7.86
C VAL B 149 35.30 -1.55 -6.64
N GLY B 150 34.23 -1.02 -6.05
CA GLY B 150 33.64 -1.60 -4.86
C GLY B 150 32.65 -2.72 -5.09
N GLN B 151 31.90 -2.64 -6.18
CA GLN B 151 30.92 -3.67 -6.48
C GLN B 151 31.26 -4.52 -7.69
N GLY B 152 32.36 -4.19 -8.38
CA GLY B 152 32.85 -5.00 -9.49
C GLY B 152 32.14 -4.80 -10.82
N LYS B 153 31.48 -3.65 -10.98
CA LYS B 153 30.75 -3.36 -12.20
C LYS B 153 31.67 -2.88 -13.33
N THR B 154 31.30 -3.19 -14.56
CA THR B 154 31.99 -2.64 -15.71
C THR B 154 31.47 -1.22 -15.93
N VAL B 155 32.14 -0.49 -16.81
CA VAL B 155 31.78 0.89 -17.10
C VAL B 155 30.28 1.04 -17.36
N ILE B 156 29.76 0.28 -18.31
CA ILE B 156 28.38 0.49 -18.74
C ILE B 156 27.38 0.07 -17.66
N GLN B 157 27.74 -0.94 -16.87
CA GLN B 157 26.87 -1.35 -15.77
C GLN B 157 26.85 -0.29 -14.65
N ALA B 158 28.00 0.32 -14.37
CA ALA B 158 28.03 1.42 -13.41
C ALA B 158 27.22 2.61 -13.92
N GLU B 159 27.34 2.89 -15.22
CA GLU B 159 26.69 4.05 -15.85
C GLU B 159 25.16 3.94 -15.82
N ILE B 160 24.61 2.78 -16.18
CA ILE B 160 23.16 2.67 -16.15
C ILE B 160 22.61 2.66 -14.72
N ASP B 161 23.49 2.39 -13.77
CA ASP B 161 23.09 2.24 -12.37
C ASP B 161 23.34 3.50 -11.53
N ALA B 162 24.60 3.74 -11.18
CA ALA B 162 24.93 4.80 -10.22
C ALA B 162 24.74 6.20 -10.79
N ALA B 163 24.79 6.33 -12.10
CA ALA B 163 24.41 7.58 -12.73
C ALA B 163 22.95 7.54 -13.18
N ALA B 164 22.70 6.90 -14.31
CA ALA B 164 21.40 7.03 -14.97
C ALA B 164 20.18 6.66 -14.09
N GLU B 165 20.16 5.47 -13.50
CA GLU B 165 19.00 5.07 -12.71
C GLU B 165 18.82 5.92 -11.44
N LEU B 166 19.91 6.18 -10.73
CA LEU B 166 19.84 6.97 -9.50
C LEU B 166 19.36 8.38 -9.81
N ILE B 167 19.95 8.98 -10.83
CA ILE B 167 19.53 10.29 -11.28
C ILE B 167 18.05 10.31 -11.68
N ASP B 168 17.63 9.32 -12.48
CA ASP B 168 16.22 9.20 -12.85
C ASP B 168 15.30 9.01 -11.63
N PHE B 169 15.69 8.18 -10.67
CA PHE B 169 14.88 8.04 -9.45
C PHE B 169 14.66 9.41 -8.83
N PHE B 170 15.75 10.13 -8.61
CA PHE B 170 15.68 11.43 -7.97
C PHE B 170 14.84 12.45 -8.75
N ARG B 171 15.01 12.50 -10.07
CA ARG B 171 14.25 13.46 -10.86
C ARG B 171 12.79 13.04 -11.03
N PHE B 172 12.54 11.79 -11.41
CA PHE B 172 11.16 11.38 -11.63
C PHE B 172 10.37 11.35 -10.32
N ASN B 173 11.00 10.89 -9.24
CA ASN B 173 10.28 10.89 -7.99
C ASN B 173 9.92 12.31 -7.53
N ALA B 174 10.82 13.25 -7.78
CA ALA B 174 10.55 14.66 -7.48
C ALA B 174 9.38 15.19 -8.31
N LYS B 175 9.31 14.82 -9.58
CA LYS B 175 8.19 15.18 -10.44
C LYS B 175 6.88 14.55 -9.94
N PHE B 176 6.90 13.25 -9.69
CA PHE B 176 5.71 12.57 -9.18
C PHE B 176 5.21 13.19 -7.88
N ALA B 177 6.14 13.51 -6.98
CA ALA B 177 5.80 14.10 -5.67
C ALA B 177 5.21 15.50 -5.77
N VAL B 178 5.86 16.36 -6.53
CA VAL B 178 5.37 17.72 -6.70
C VAL B 178 3.99 17.73 -7.36
N GLU B 179 3.83 16.89 -8.38
CA GLU B 179 2.55 16.81 -9.07
C GLU B 179 1.46 16.16 -8.24
N LEU B 180 1.84 15.28 -7.32
CA LEU B 180 0.88 14.63 -6.41
C LEU B 180 0.03 15.63 -5.62
N GLU B 181 0.63 16.75 -5.21
CA GLU B 181 -0.13 17.75 -4.45
C GLU B 181 -1.23 18.42 -5.29
N GLY B 182 -1.21 18.20 -6.60
CA GLY B 182 -2.25 18.70 -7.46
C GLY B 182 -3.46 17.78 -7.48
N GLU B 183 -3.30 16.60 -6.90
CA GLU B 183 -4.40 15.65 -6.80
C GLU B 183 -5.24 16.05 -5.62
N GLN B 184 -6.33 16.77 -5.88
CA GLN B 184 -7.15 17.33 -4.81
C GLN B 184 -8.61 16.91 -4.98
N PRO B 185 -9.33 16.80 -3.85
CA PRO B 185 -10.73 16.36 -3.91
C PRO B 185 -11.67 17.46 -4.39
N ILE B 186 -12.93 17.10 -4.63
CA ILE B 186 -13.98 18.05 -4.99
C ILE B 186 -14.43 18.91 -3.80
N SER B 187 -14.64 20.20 -4.04
CA SER B 187 -15.21 21.10 -3.03
C SER B 187 -16.60 21.55 -3.46
N VAL B 188 -17.56 21.47 -2.55
CA VAL B 188 -18.90 21.92 -2.83
C VAL B 188 -19.32 22.90 -1.73
N PRO B 189 -20.04 23.97 -2.10
CA PRO B 189 -20.50 24.90 -1.05
C PRO B 189 -21.20 24.14 0.08
N PRO B 190 -21.03 24.58 1.33
CA PRO B 190 -20.29 25.78 1.74
C PRO B 190 -18.89 25.48 2.27
N SER B 191 -18.16 24.57 1.60
CA SER B 191 -16.94 24.03 2.19
C SER B 191 -15.81 23.86 1.19
N THR B 192 -14.59 23.95 1.69
CA THR B 192 -13.40 23.77 0.88
C THR B 192 -12.63 22.57 1.41
N ASN B 193 -12.29 21.65 0.50
CA ASN B 193 -11.61 20.41 0.85
C ASN B 193 -10.19 20.37 0.30
N HIS B 194 -9.25 19.98 1.15
CA HIS B 194 -7.85 19.92 0.73
C HIS B 194 -7.16 18.67 1.28
N THR B 195 -6.38 17.99 0.43
CA THR B 195 -5.61 16.84 0.89
C THR B 195 -4.18 17.28 1.19
N VAL B 196 -3.73 17.00 2.41
CA VAL B 196 -2.35 17.23 2.80
C VAL B 196 -1.61 15.90 2.72
N TYR B 197 -0.56 15.83 1.94
CA TYR B 197 0.19 14.58 1.81
C TYR B 197 1.26 14.49 2.90
N ARG B 198 0.84 14.04 4.08
CA ARG B 198 1.70 13.95 5.25
C ARG B 198 2.72 12.84 5.09
N GLY B 199 3.92 13.03 5.62
CA GLY B 199 4.83 11.91 5.75
C GLY B 199 4.28 10.98 6.82
N LEU B 200 4.82 9.77 6.90
CA LEU B 200 4.44 8.85 7.96
C LEU B 200 4.96 9.34 9.31
N GLU B 201 4.15 9.17 10.34
CA GLU B 201 4.51 9.59 11.69
C GLU B 201 5.33 8.49 12.33
N GLY B 202 6.62 8.74 12.55
CA GLY B 202 7.55 7.73 13.02
C GLY B 202 8.80 7.81 12.16
N PHE B 203 9.61 6.75 12.12
CA PHE B 203 10.73 6.71 11.20
C PHE B 203 10.63 5.50 10.27
N VAL B 204 11.32 5.58 9.14
CA VAL B 204 11.39 4.49 8.17
C VAL B 204 12.80 3.88 8.18
N ALA B 205 12.87 2.55 8.13
CA ALA B 205 14.14 1.86 8.03
C ALA B 205 14.34 1.42 6.59
N ALA B 206 15.44 1.87 5.98
CA ALA B 206 15.75 1.51 4.60
C ALA B 206 16.93 0.56 4.63
N ILE B 207 16.79 -0.57 3.93
CA ILE B 207 17.77 -1.64 3.96
C ILE B 207 18.07 -2.01 2.50
N SER B 208 19.27 -1.69 2.03
CA SER B 208 19.55 -1.76 0.61
C SER B 208 20.53 -2.90 0.26
N PRO B 209 20.46 -3.38 -1.00
CA PRO B 209 21.24 -4.53 -1.50
C PRO B 209 22.58 -4.11 -2.11
N PHE B 210 23.47 -5.06 -2.34
CA PHE B 210 24.79 -4.74 -2.89
C PHE B 210 24.76 -4.38 -4.36
N ASN B 211 23.77 -4.89 -5.09
CA ASN B 211 23.93 -5.02 -6.54
C ASN B 211 23.59 -3.77 -7.35
N PHE B 212 22.88 -2.83 -6.74
CA PHE B 212 22.61 -1.55 -7.41
C PHE B 212 22.83 -0.37 -6.47
N THR B 213 23.78 0.49 -6.80
CA THR B 213 23.97 1.74 -6.05
C THR B 213 22.68 2.56 -6.05
N ALA B 214 21.98 2.57 -7.18
CA ALA B 214 20.79 3.40 -7.34
C ALA B 214 19.66 3.00 -6.38
N ILE B 215 19.57 1.70 -6.12
CA ILE B 215 18.52 1.17 -5.26
C ILE B 215 18.65 1.70 -3.83
N GLY B 216 19.88 1.74 -3.33
CA GLY B 216 20.12 2.29 -2.02
C GLY B 216 19.67 3.74 -1.92
N GLY B 217 19.98 4.51 -2.96
CA GLY B 217 19.60 5.92 -2.97
C GLY B 217 18.10 6.11 -3.02
N ASN B 218 17.41 5.24 -3.76
CA ASN B 218 15.95 5.30 -3.84
C ASN B 218 15.25 4.84 -2.56
N LEU B 219 15.75 3.75 -1.98
CA LEU B 219 15.15 3.20 -0.77
C LEU B 219 15.16 4.20 0.37
N ALA B 220 16.27 4.93 0.52
CA ALA B 220 16.38 5.97 1.56
C ALA B 220 15.80 7.30 1.10
N GLY B 221 16.05 7.66 -0.15
CA GLY B 221 15.63 8.93 -0.72
C GLY B 221 14.15 9.15 -0.95
N ALA B 222 13.46 8.15 -1.51
CA ALA B 222 12.02 8.31 -1.77
C ALA B 222 11.20 8.58 -0.51
N PRO B 223 11.38 7.78 0.56
CA PRO B 223 10.64 8.14 1.78
C PRO B 223 11.03 9.53 2.29
N ALA B 224 12.32 9.88 2.26
CA ALA B 224 12.72 11.21 2.72
C ALA B 224 12.04 12.34 1.93
N LEU B 225 12.00 12.18 0.61
CA LEU B 225 11.29 13.12 -0.26
C LEU B 225 9.85 13.40 0.20
N MET B 226 9.18 12.36 0.69
CA MET B 226 7.79 12.47 1.09
C MET B 226 7.62 12.92 2.54
N GLY B 227 8.70 13.43 3.14
CA GLY B 227 8.59 14.02 4.47
C GLY B 227 8.89 13.07 5.63
N ASN B 228 9.41 11.90 5.31
CA ASN B 228 9.83 10.95 6.34
C ASN B 228 11.27 11.17 6.78
N VAL B 229 11.62 10.59 7.92
CA VAL B 229 13.01 10.52 8.34
C VAL B 229 13.38 9.05 8.34
N VAL B 230 14.65 8.76 8.08
CA VAL B 230 15.09 7.42 7.68
C VAL B 230 16.36 6.98 8.39
N LEU B 231 16.39 5.73 8.84
CA LEU B 231 17.65 5.08 9.16
C LEU B 231 17.99 4.20 7.98
N TRP B 232 19.12 4.50 7.35
CA TRP B 232 19.57 3.80 6.17
C TRP B 232 20.72 2.86 6.53
N LYS B 233 20.45 1.56 6.41
CA LYS B 233 21.48 0.53 6.52
C LYS B 233 21.88 0.12 5.11
N PRO B 234 23.04 0.61 4.65
CA PRO B 234 23.50 0.26 3.30
C PRO B 234 24.12 -1.12 3.29
N SER B 235 24.28 -1.67 2.09
CA SER B 235 24.90 -2.97 1.91
C SER B 235 26.39 -2.89 2.22
N ASP B 236 26.88 -3.85 3.00
CA ASP B 236 28.30 -3.93 3.33
C ASP B 236 29.19 -3.89 2.08
N THR B 237 28.78 -4.66 1.07
CA THR B 237 29.57 -4.83 -0.13
C THR B 237 29.36 -3.73 -1.17
N ALA B 238 28.59 -2.71 -0.81
CA ALA B 238 28.38 -1.53 -1.64
C ALA B 238 28.61 -0.26 -0.84
N MET B 239 29.39 -0.36 0.23
CA MET B 239 29.53 0.76 1.17
C MET B 239 30.13 2.01 0.52
N LEU B 240 31.19 1.82 -0.25
CA LEU B 240 31.93 2.93 -0.86
C LEU B 240 31.03 3.85 -1.68
N ALA B 241 30.28 3.26 -2.63
CA ALA B 241 29.39 4.05 -3.47
C ALA B 241 28.21 4.60 -2.69
N SER B 242 27.72 3.84 -1.72
CA SER B 242 26.56 4.26 -0.95
C SER B 242 26.89 5.51 -0.15
N TYR B 243 28.07 5.53 0.48
CA TYR B 243 28.47 6.70 1.24
C TYR B 243 28.64 7.90 0.33
N ALA B 244 29.15 7.65 -0.89
CA ALA B 244 29.30 8.73 -1.87
C ALA B 244 27.95 9.37 -2.14
N VAL B 245 26.94 8.55 -2.35
CA VAL B 245 25.58 9.04 -2.58
C VAL B 245 25.07 9.82 -1.36
N TYR B 246 25.32 9.28 -0.17
CA TYR B 246 24.88 9.94 1.05
C TYR B 246 25.51 11.32 1.16
N ARG B 247 26.82 11.40 0.95
CA ARG B 247 27.50 12.68 1.01
C ARG B 247 26.91 13.68 0.01
N ILE B 248 26.56 13.20 -1.18
CA ILE B 248 26.00 14.09 -2.20
C ILE B 248 24.64 14.66 -1.77
N LEU B 249 23.82 13.82 -1.15
CA LEU B 249 22.53 14.28 -0.65
C LEU B 249 22.69 15.38 0.40
N ARG B 250 23.61 15.16 1.34
CA ARG B 250 23.86 16.17 2.36
C ARG B 250 24.38 17.45 1.73
N GLU B 251 25.32 17.32 0.79
CA GLU B 251 25.85 18.49 0.11
C GLU B 251 24.79 19.21 -0.71
N ALA B 252 23.82 18.47 -1.22
CA ALA B 252 22.72 19.03 -2.00
C ALA B 252 21.72 19.77 -1.10
N GLY B 253 21.88 19.66 0.21
CA GLY B 253 21.03 20.42 1.12
C GLY B 253 20.12 19.62 2.05
N LEU B 254 20.21 18.30 1.99
CA LEU B 254 19.48 17.49 2.97
C LEU B 254 19.90 17.84 4.40
N PRO B 255 18.94 18.28 5.23
CA PRO B 255 19.27 18.73 6.59
C PRO B 255 19.75 17.56 7.44
N PRO B 256 20.36 17.85 8.59
CA PRO B 256 20.78 16.72 9.43
C PRO B 256 19.60 15.96 10.02
N ASN B 257 19.84 14.69 10.31
CA ASN B 257 18.88 13.82 10.98
C ASN B 257 17.68 13.38 10.14
N ILE B 258 17.72 13.68 8.85
CA ILE B 258 16.64 13.23 7.96
C ILE B 258 16.95 11.82 7.44
N ILE B 259 18.21 11.60 7.06
CA ILE B 259 18.68 10.26 6.73
C ILE B 259 19.94 9.98 7.54
N GLN B 260 19.86 9.00 8.44
CA GLN B 260 21.00 8.62 9.25
C GLN B 260 21.72 7.51 8.51
N PHE B 261 23.03 7.65 8.33
CA PHE B 261 23.82 6.65 7.64
C PHE B 261 24.34 5.64 8.66
N VAL B 262 23.65 4.50 8.78
CA VAL B 262 23.93 3.52 9.83
C VAL B 262 24.12 2.09 9.34
N PRO B 263 25.26 1.81 8.70
CA PRO B 263 25.61 0.40 8.48
C PRO B 263 25.53 -0.34 9.80
N ALA B 264 25.24 -1.63 9.74
CA ALA B 264 24.97 -2.41 10.94
C ALA B 264 24.87 -3.87 10.57
N ASP B 265 25.11 -4.73 11.55
CA ASP B 265 24.80 -6.15 11.39
C ASP B 265 23.32 -6.27 11.05
N GLY B 266 22.99 -7.05 10.02
CA GLY B 266 21.61 -7.15 9.56
C GLY B 266 20.58 -7.51 10.63
N PRO B 267 20.76 -8.68 11.27
CA PRO B 267 19.89 -9.08 12.38
C PRO B 267 19.80 -8.02 13.49
N THR B 268 20.94 -7.47 13.90
CA THR B 268 20.95 -6.42 14.91
C THR B 268 20.09 -5.23 14.48
N PHE B 269 20.23 -4.83 13.23
CA PHE B 269 19.54 -3.66 12.73
C PHE B 269 18.03 -3.93 12.75
N GLY B 270 17.64 -5.08 12.25
CA GLY B 270 16.24 -5.46 12.21
C GLY B 270 15.62 -5.57 13.59
N ASP B 271 16.36 -6.15 14.53
CA ASP B 271 15.88 -6.30 15.91
C ASP B 271 15.60 -4.92 16.51
N THR B 272 16.52 -3.99 16.28
CA THR B 272 16.42 -2.66 16.86
C THR B 272 15.25 -1.85 16.29
N VAL B 273 15.17 -1.74 14.96
CA VAL B 273 14.11 -0.92 14.38
C VAL B 273 12.73 -1.52 14.63
N THR B 274 12.61 -2.85 14.63
CA THR B 274 11.29 -3.49 14.85
C THR B 274 10.88 -3.47 16.32
N SER B 275 11.83 -3.13 17.21
CA SER B 275 11.56 -3.02 18.63
C SER B 275 11.15 -1.61 19.05
N SER B 276 11.22 -0.66 18.11
CA SER B 276 10.90 0.73 18.42
C SER B 276 9.42 1.02 18.21
N GLU B 277 8.79 1.66 19.19
CA GLU B 277 7.37 1.98 19.07
C GLU B 277 7.10 2.96 17.93
N HIS B 278 8.16 3.62 17.45
CA HIS B 278 8.00 4.67 16.44
C HIS B 278 8.29 4.21 15.01
N LEU B 279 8.52 2.93 14.80
CA LEU B 279 8.73 2.43 13.44
C LEU B 279 7.45 2.64 12.63
N CYS B 280 7.56 3.28 11.47
CA CYS B 280 6.36 3.41 10.64
C CYS B 280 6.50 2.76 9.27
N GLY B 281 7.69 2.28 8.94
CA GLY B 281 7.89 1.65 7.66
C GLY B 281 9.24 0.98 7.51
N ILE B 282 9.29 -0.05 6.66
CA ILE B 282 10.54 -0.68 6.28
C ILE B 282 10.56 -0.73 4.76
N ASN B 283 11.60 -0.16 4.17
CA ASN B 283 11.73 -0.16 2.72
C ASN B 283 12.92 -1.05 2.40
N PHE B 284 12.63 -2.24 1.89
CA PHE B 284 13.63 -3.32 1.84
C PHE B 284 13.85 -3.86 0.42
N THR B 285 15.10 -4.16 0.10
CA THR B 285 15.40 -4.93 -1.10
C THR B 285 16.50 -5.92 -0.74
N GLY B 286 16.22 -7.20 -0.90
CA GLY B 286 17.14 -8.26 -0.50
C GLY B 286 16.46 -9.62 -0.56
N SER B 287 16.87 -10.53 0.32
CA SER B 287 16.42 -11.91 0.23
C SER B 287 15.01 -12.09 0.76
N VAL B 288 14.29 -13.05 0.18
CA VAL B 288 12.97 -13.43 0.67
C VAL B 288 12.95 -13.78 2.16
N PRO B 289 13.86 -14.64 2.61
CA PRO B 289 13.82 -15.04 4.02
C PRO B 289 13.98 -13.88 4.98
N THR B 290 14.87 -12.94 4.65
CA THR B 290 15.09 -11.77 5.50
C THR B 290 13.85 -10.89 5.52
N PHE B 291 13.26 -10.65 4.36
CA PHE B 291 12.00 -9.90 4.33
C PHE B 291 10.92 -10.56 5.19
N LYS B 292 10.74 -11.87 5.06
CA LYS B 292 9.70 -12.56 5.83
C LYS B 292 9.99 -12.43 7.31
N HIS B 293 11.27 -12.47 7.67
CA HIS B 293 11.69 -12.40 9.06
C HIS B 293 11.32 -11.03 9.64
N LEU B 294 11.65 -9.96 8.92
CA LEU B 294 11.26 -8.61 9.37
C LEU B 294 9.74 -8.48 9.49
N TRP B 295 9.03 -9.09 8.55
CA TRP B 295 7.58 -9.05 8.53
C TRP B 295 7.03 -9.67 9.81
N ARG B 296 7.60 -10.82 10.19
CA ARG B 296 7.18 -11.49 11.41
C ARG B 296 7.58 -10.72 12.67
N GLN B 297 8.75 -10.09 12.65
CA GLN B 297 9.15 -9.28 13.80
C GLN B 297 8.18 -8.13 14.05
N VAL B 298 7.74 -7.49 12.96
CA VAL B 298 6.76 -6.41 13.08
C VAL B 298 5.45 -6.95 13.66
N ALA B 299 4.98 -8.09 13.14
CA ALA B 299 3.76 -8.73 13.65
C ALA B 299 3.89 -9.05 15.13
N GLN B 300 5.04 -9.59 15.51
CA GLN B 300 5.31 -9.90 16.90
C GLN B 300 5.17 -8.66 17.81
N ASN B 301 5.66 -7.52 17.32
CA ASN B 301 5.70 -6.29 18.11
C ASN B 301 4.50 -5.35 17.87
N LEU B 302 3.45 -5.89 17.29
CA LEU B 302 2.37 -5.08 16.76
C LEU B 302 1.71 -4.20 17.83
N ASP B 303 1.65 -4.68 19.07
CA ASP B 303 0.97 -3.94 20.13
C ASP B 303 1.79 -2.75 20.63
N ARG B 304 3.05 -2.67 20.22
CA ARG B 304 3.96 -1.64 20.68
C ARG B 304 3.95 -0.38 19.82
N PHE B 305 3.65 -0.54 18.53
CA PHE B 305 3.73 0.57 17.59
C PHE B 305 2.61 1.61 17.76
N ARG B 306 2.97 2.86 17.54
CA ARG B 306 1.98 3.94 17.52
C ARG B 306 1.10 3.83 16.27
N THR B 307 1.64 3.30 15.18
CA THR B 307 0.81 3.01 14.00
C THR B 307 1.29 1.75 13.28
N PHE B 308 0.48 1.27 12.35
CA PHE B 308 0.77 0.04 11.61
C PHE B 308 1.88 0.29 10.62
N PRO B 309 3.05 -0.36 10.82
CA PRO B 309 4.15 -0.11 9.88
C PRO B 309 3.85 -0.63 8.48
N ARG B 310 4.44 0.03 7.48
CA ARG B 310 4.27 -0.33 6.08
C ARG B 310 5.54 -0.97 5.61
N LEU B 311 5.43 -2.23 5.19
CA LEU B 311 6.57 -2.97 4.69
C LEU B 311 6.53 -3.04 3.19
N ALA B 312 7.65 -2.67 2.57
CA ALA B 312 7.81 -2.74 1.13
C ALA B 312 9.04 -3.61 0.91
N GLY B 313 8.92 -4.61 0.04
CA GLY B 313 10.02 -5.50 -0.23
C GLY B 313 10.09 -5.93 -1.69
N GLU B 314 11.29 -5.90 -2.26
CA GLU B 314 11.57 -6.47 -3.57
C GLU B 314 12.61 -7.57 -3.32
N CYS B 315 12.35 -8.76 -3.85
CA CYS B 315 13.03 -9.96 -3.33
C CYS B 315 13.64 -10.95 -4.32
N GLY B 316 13.85 -10.55 -5.56
CA GLY B 316 14.55 -11.46 -6.46
C GLY B 316 13.64 -12.34 -7.29
N GLY B 317 14.24 -13.19 -8.13
CA GLY B 317 13.47 -13.95 -9.08
C GLY B 317 14.23 -15.12 -9.66
N LYS B 318 13.53 -15.88 -10.50
CA LYS B 318 14.17 -16.92 -11.30
C LYS B 318 13.60 -16.71 -12.70
N ASN B 319 14.25 -15.83 -13.45
CA ASN B 319 13.59 -15.21 -14.60
C ASN B 319 13.84 -15.94 -15.90
N PHE B 320 12.88 -15.85 -16.80
CA PHE B 320 12.90 -16.67 -18.02
C PHE B 320 13.02 -15.85 -19.30
N HIS B 321 13.69 -16.43 -20.29
CA HIS B 321 13.51 -16.05 -21.68
C HIS B 321 12.84 -17.23 -22.39
N PHE B 322 11.67 -17.01 -22.97
CA PHE B 322 10.97 -18.08 -23.68
C PHE B 322 11.02 -17.81 -25.17
N VAL B 323 11.54 -18.79 -25.92
CA VAL B 323 11.70 -18.63 -27.36
C VAL B 323 10.65 -19.43 -28.12
N HIS B 324 10.00 -18.77 -29.08
CA HIS B 324 9.07 -19.44 -29.96
C HIS B 324 9.79 -19.67 -31.28
N SER B 325 9.30 -20.63 -32.05
CA SER B 325 9.97 -21.01 -33.30
C SER B 325 10.08 -19.86 -34.28
N SER B 326 9.21 -18.86 -34.14
CA SER B 326 9.20 -17.71 -35.02
C SER B 326 10.22 -16.65 -34.59
N ALA B 327 10.96 -16.91 -33.52
CA ALA B 327 11.87 -15.90 -32.96
C ALA B 327 13.03 -15.52 -33.88
N ASP B 328 13.44 -14.26 -33.77
CA ASP B 328 14.65 -13.78 -34.42
C ASP B 328 15.86 -14.32 -33.66
N VAL B 329 16.61 -15.22 -34.30
CA VAL B 329 17.67 -15.94 -33.61
C VAL B 329 18.75 -15.05 -33.02
N ASP B 330 19.24 -14.09 -33.81
CA ASP B 330 20.29 -13.19 -33.36
C ASP B 330 19.88 -12.38 -32.13
N SER B 331 18.63 -11.92 -32.11
CA SER B 331 18.14 -11.16 -30.96
C SER B 331 18.08 -12.04 -29.72
N VAL B 332 17.70 -13.30 -29.91
CA VAL B 332 17.61 -14.24 -28.80
C VAL B 332 18.98 -14.40 -28.17
N VAL B 333 20.00 -14.58 -29.00
CA VAL B 333 21.33 -14.86 -28.50
C VAL B 333 21.94 -13.66 -27.77
N SER B 334 21.89 -12.49 -28.38
CA SER B 334 22.54 -11.33 -27.77
C SER B 334 21.78 -10.87 -26.54
N GLY B 335 20.44 -10.94 -26.59
CA GLY B 335 19.62 -10.53 -25.47
C GLY B 335 19.77 -11.49 -24.32
N THR B 336 19.91 -12.78 -24.62
CA THR B 336 20.08 -13.77 -23.57
C THR B 336 21.44 -13.69 -22.93
N LEU B 337 22.48 -13.54 -23.76
CA LEU B 337 23.84 -13.36 -23.25
C LEU B 337 23.91 -12.16 -22.29
N ARG B 338 23.35 -11.03 -22.70
CA ARG B 338 23.31 -9.86 -21.84
C ARG B 338 22.52 -10.13 -20.56
N SER B 339 21.31 -10.65 -20.70
CA SER B 339 20.49 -10.84 -19.53
C SER B 339 21.12 -11.80 -18.53
N ALA B 340 21.70 -12.86 -19.05
CA ALA B 340 22.22 -13.92 -18.19
C ALA B 340 23.53 -13.54 -17.50
N PHE B 341 24.39 -12.81 -18.22
CA PHE B 341 25.79 -12.67 -17.82
C PHE B 341 26.24 -11.26 -17.45
N GLU B 342 25.51 -10.23 -17.86
CA GLU B 342 25.92 -8.89 -17.44
C GLU B 342 25.94 -8.78 -15.93
N TYR B 343 26.95 -8.09 -15.42
CA TYR B 343 27.23 -8.01 -13.99
C TYR B 343 27.23 -9.40 -13.35
N GLY B 344 27.71 -10.39 -14.10
CA GLY B 344 27.83 -11.74 -13.59
C GLY B 344 26.49 -12.36 -13.20
N GLY B 345 25.43 -11.94 -13.88
CA GLY B 345 24.09 -12.43 -13.58
C GLY B 345 23.60 -12.02 -12.20
N GLN B 346 24.25 -11.05 -11.57
CA GLN B 346 23.87 -10.64 -10.22
C GLN B 346 22.75 -9.60 -10.19
N LYS B 347 21.66 -9.91 -10.87
CA LYS B 347 20.51 -9.04 -10.92
C LYS B 347 19.24 -9.82 -10.61
N CYS B 348 18.35 -9.24 -9.82
CA CYS B 348 17.06 -9.85 -9.54
C CYS B 348 16.25 -10.10 -10.82
N SER B 349 16.67 -9.43 -11.89
CA SER B 349 15.98 -9.50 -13.18
C SER B 349 16.68 -10.42 -14.21
N ALA B 350 17.86 -10.93 -13.85
CA ALA B 350 18.68 -11.66 -14.81
C ALA B 350 18.03 -12.96 -15.27
N CYS B 351 18.11 -13.23 -16.57
CA CYS B 351 17.63 -14.49 -17.12
C CYS B 351 18.48 -15.67 -16.64
N SER B 352 17.84 -16.67 -16.04
CA SER B 352 18.56 -17.86 -15.59
C SER B 352 17.93 -19.14 -16.15
N ARG B 353 16.79 -19.00 -16.81
CA ARG B 353 16.22 -20.11 -17.55
C ARG B 353 15.81 -19.72 -18.96
N LEU B 354 16.33 -20.49 -19.91
CA LEU B 354 16.06 -20.26 -21.32
C LEU B 354 15.31 -21.46 -21.88
N TYR B 355 14.15 -21.21 -22.49
CA TYR B 355 13.32 -22.26 -23.06
C TYR B 355 13.37 -22.13 -24.58
N VAL B 356 13.85 -23.18 -25.25
CA VAL B 356 14.13 -23.15 -26.68
C VAL B 356 13.39 -24.27 -27.41
N PRO B 357 12.72 -23.96 -28.54
CA PRO B 357 12.07 -25.00 -29.33
C PRO B 357 13.10 -25.87 -30.04
N LYS B 358 12.82 -27.17 -30.19
CA LYS B 358 13.76 -28.11 -30.79
C LYS B 358 14.22 -27.65 -32.17
N SER B 359 13.31 -27.08 -32.94
CA SER B 359 13.59 -26.66 -34.31
C SER B 359 14.65 -25.55 -34.39
N LEU B 360 14.79 -24.77 -33.34
CA LEU B 360 15.75 -23.67 -33.34
C LEU B 360 17.01 -23.97 -32.53
N TRP B 361 17.04 -25.09 -31.82
CA TRP B 361 18.12 -25.36 -30.88
C TRP B 361 19.49 -25.50 -31.54
N PRO B 362 19.58 -26.25 -32.65
CA PRO B 362 20.86 -26.30 -33.37
C PRO B 362 21.43 -24.91 -33.68
N GLN B 363 20.60 -24.01 -34.22
CA GLN B 363 21.07 -22.66 -34.54
C GLN B 363 21.44 -21.87 -33.28
N ILE B 364 20.55 -21.91 -32.29
CA ILE B 364 20.75 -21.12 -31.07
C ILE B 364 21.94 -21.64 -30.26
N LYS B 365 22.04 -22.96 -30.14
CA LYS B 365 23.16 -23.58 -29.44
C LYS B 365 24.50 -23.20 -30.06
N GLY B 366 24.58 -23.28 -31.38
CA GLY B 366 25.81 -22.98 -32.09
C GLY B 366 26.26 -21.55 -31.86
N ARG B 367 25.31 -20.62 -31.95
CA ARG B 367 25.59 -19.21 -31.78
C ARG B 367 26.00 -18.89 -30.35
N LEU B 368 25.31 -19.50 -29.39
CA LEU B 368 25.61 -19.28 -27.97
C LEU B 368 27.01 -19.74 -27.60
N LEU B 369 27.41 -20.90 -28.10
CA LEU B 369 28.74 -21.41 -27.80
C LEU B 369 29.83 -20.59 -28.47
N GLU B 370 29.57 -20.15 -29.70
CA GLU B 370 30.53 -19.32 -30.41
C GLU B 370 30.68 -18.00 -29.66
N GLU B 371 29.57 -17.34 -29.38
CA GLU B 371 29.63 -16.06 -28.70
C GLU B 371 30.22 -16.24 -27.29
N HIS B 372 29.88 -17.34 -26.63
CA HIS B 372 30.40 -17.59 -25.30
C HIS B 372 31.92 -17.47 -25.28
N SER B 373 32.58 -18.10 -26.25
CA SER B 373 34.04 -18.16 -26.29
C SER B 373 34.67 -16.78 -26.39
N ARG B 374 33.87 -15.79 -26.77
CA ARG B 374 34.38 -14.44 -26.99
C ARG B 374 34.14 -13.51 -25.80
N ILE B 375 33.52 -14.02 -24.74
CA ILE B 375 33.25 -13.21 -23.56
C ILE B 375 34.49 -13.10 -22.68
N LYS B 376 34.94 -11.87 -22.46
CA LYS B 376 36.11 -11.60 -21.63
C LYS B 376 35.70 -11.33 -20.21
N VAL B 377 36.24 -12.11 -19.28
CA VAL B 377 36.01 -11.87 -17.86
C VAL B 377 37.33 -11.38 -17.30
N GLY B 378 37.32 -10.27 -16.59
CA GLY B 378 38.55 -9.69 -16.07
C GLY B 378 38.32 -8.45 -15.24
N ASP B 379 39.39 -7.67 -15.07
CA ASP B 379 39.40 -6.46 -14.26
C ASP B 379 38.71 -5.32 -15.00
N PRO B 380 37.57 -4.83 -14.48
CA PRO B 380 36.76 -3.84 -15.22
C PRO B 380 37.40 -2.46 -15.19
N ALA B 381 38.28 -2.22 -14.22
CA ALA B 381 38.95 -0.93 -14.13
C ALA B 381 40.16 -0.85 -15.05
N GLU B 382 40.92 -1.94 -15.11
CA GLU B 382 42.14 -1.98 -15.90
C GLU B 382 41.91 -2.31 -17.37
N ASP B 383 40.81 -3.00 -17.66
CA ASP B 383 40.53 -3.45 -19.02
C ASP B 383 39.07 -3.20 -19.41
N PHE B 384 38.83 -2.13 -20.14
CA PHE B 384 37.46 -1.80 -20.56
C PHE B 384 36.87 -2.78 -21.57
N GLY B 385 37.68 -3.75 -22.02
CA GLY B 385 37.21 -4.80 -22.92
C GLY B 385 36.46 -5.89 -22.17
N THR B 386 36.46 -5.78 -20.85
CA THR B 386 35.80 -6.75 -19.98
C THR B 386 34.28 -6.76 -20.18
N PHE B 387 33.70 -7.92 -20.41
CA PHE B 387 32.25 -7.98 -20.52
C PHE B 387 31.61 -7.95 -19.13
N PHE B 388 32.12 -8.79 -18.22
CA PHE B 388 31.75 -8.75 -16.81
C PHE B 388 32.90 -9.27 -15.94
N SER B 389 32.82 -8.99 -14.64
CA SER B 389 33.94 -9.24 -13.74
C SER B 389 33.57 -10.22 -12.63
N ALA B 390 34.37 -10.24 -11.57
CA ALA B 390 34.16 -11.13 -10.44
C ALA B 390 32.77 -10.96 -9.82
N VAL B 391 32.28 -12.01 -9.16
CA VAL B 391 31.08 -11.88 -8.35
C VAL B 391 31.42 -11.18 -7.04
N ILE B 392 30.39 -10.81 -6.27
CA ILE B 392 30.55 -9.80 -5.23
C ILE B 392 31.48 -10.18 -4.06
N ASP B 393 31.37 -11.40 -3.56
CA ASP B 393 32.13 -11.78 -2.37
C ASP B 393 32.34 -13.29 -2.23
N ALA B 394 33.07 -13.69 -1.20
CA ALA B 394 33.38 -15.09 -0.98
C ALA B 394 32.12 -15.93 -0.81
N LYS B 395 31.11 -15.38 -0.16
CA LYS B 395 29.87 -16.11 0.08
C LYS B 395 29.18 -16.46 -1.25
N ALA B 396 29.07 -15.46 -2.11
CA ALA B 396 28.49 -15.63 -3.44
C ALA B 396 29.30 -16.63 -4.27
N PHE B 397 30.62 -16.49 -4.20
CA PHE B 397 31.51 -17.39 -4.92
C PHE B 397 31.30 -18.84 -4.49
N ALA B 398 31.20 -19.07 -3.17
CA ALA B 398 31.05 -20.41 -2.63
C ALA B 398 29.71 -21.05 -3.05
N ARG B 399 28.67 -20.24 -3.06
CA ARG B 399 27.34 -20.71 -3.45
C ARG B 399 27.34 -21.12 -4.92
N ILE B 400 27.89 -20.26 -5.77
CA ILE B 400 27.95 -20.52 -7.20
C ILE B 400 28.79 -21.77 -7.49
N LYS B 401 29.92 -21.90 -6.80
CA LYS B 401 30.77 -23.08 -6.91
C LYS B 401 29.97 -24.35 -6.65
N LYS B 402 29.14 -24.33 -5.61
CA LYS B 402 28.33 -25.49 -5.26
C LYS B 402 27.31 -25.85 -6.35
N TRP B 403 26.82 -24.84 -7.06
CA TRP B 403 25.88 -25.09 -8.16
C TRP B 403 26.61 -25.69 -9.36
N LEU B 404 27.79 -25.18 -9.68
CA LEU B 404 28.57 -25.77 -10.76
C LEU B 404 28.88 -27.23 -10.47
N GLU B 405 29.13 -27.54 -9.20
CA GLU B 405 29.41 -28.91 -8.81
C GLU B 405 28.15 -29.78 -8.94
N HIS B 406 27.01 -29.19 -8.58
CA HIS B 406 25.73 -29.87 -8.73
C HIS B 406 25.45 -30.19 -10.19
N ALA B 407 25.81 -29.26 -11.08
CA ALA B 407 25.60 -29.47 -12.50
C ALA B 407 26.42 -30.65 -12.99
N ARG B 408 27.59 -30.87 -12.39
CA ARG B 408 28.41 -32.01 -12.79
C ARG B 408 27.88 -33.33 -12.27
N SER B 409 27.44 -33.35 -11.02
CA SER B 409 26.97 -34.58 -10.40
CA SER B 409 26.96 -34.58 -10.39
C SER B 409 25.58 -34.98 -10.90
N SER B 410 24.72 -34.00 -11.13
CA SER B 410 23.36 -34.27 -11.58
C SER B 410 23.29 -34.92 -12.97
N PRO B 411 22.58 -36.06 -13.07
CA PRO B 411 22.42 -36.78 -14.34
C PRO B 411 21.55 -36.03 -15.34
N SER B 412 20.71 -35.12 -14.86
CA SER B 412 19.83 -34.37 -15.75
CA SER B 412 19.82 -34.35 -15.72
C SER B 412 20.50 -33.12 -16.32
N LEU B 413 21.66 -32.78 -15.76
CA LEU B 413 22.36 -31.57 -16.16
C LEU B 413 23.67 -31.85 -16.88
N SER B 414 23.97 -31.04 -17.89
CA SER B 414 25.24 -31.11 -18.59
C SER B 414 25.75 -29.71 -18.87
N ILE B 415 27.02 -29.46 -18.53
CA ILE B 415 27.62 -28.15 -18.77
C ILE B 415 28.04 -28.06 -20.23
N LEU B 416 27.49 -27.08 -20.94
CA LEU B 416 27.78 -26.91 -22.37
C LEU B 416 28.93 -25.95 -22.59
N ALA B 417 29.11 -25.01 -21.67
CA ALA B 417 30.22 -24.05 -21.77
C ALA B 417 30.55 -23.45 -20.40
N GLY B 418 31.79 -23.01 -20.24
CA GLY B 418 32.26 -22.52 -18.95
C GLY B 418 32.27 -23.62 -17.90
N GLY B 419 32.08 -23.22 -16.64
CA GLY B 419 32.03 -24.15 -15.52
C GLY B 419 33.20 -24.03 -14.56
N GLN B 420 34.19 -23.21 -14.91
CA GLN B 420 35.36 -23.04 -14.06
C GLN B 420 35.27 -21.76 -13.22
N CYS B 421 35.91 -21.77 -12.06
CA CYS B 421 36.02 -20.57 -11.24
C CYS B 421 37.35 -20.55 -10.47
N ASN B 422 37.79 -19.36 -10.09
CA ASN B 422 39.07 -19.18 -9.43
C ASN B 422 38.98 -17.98 -8.49
N GLU B 423 39.22 -18.19 -7.19
CA GLU B 423 39.13 -17.09 -6.23
C GLU B 423 40.47 -16.65 -5.64
N SER B 424 41.57 -16.98 -6.31
CA SER B 424 42.90 -16.61 -5.81
C SER B 424 43.16 -15.10 -5.84
N VAL B 425 42.65 -14.41 -6.85
CA VAL B 425 42.86 -12.97 -6.99
C VAL B 425 41.57 -12.17 -6.77
N GLY B 426 40.52 -12.55 -7.50
CA GLY B 426 39.19 -11.99 -7.29
C GLY B 426 38.21 -13.14 -7.27
N TYR B 427 36.92 -12.86 -7.01
CA TYR B 427 35.91 -13.90 -7.00
C TYR B 427 35.41 -14.22 -8.42
N TYR B 428 36.31 -14.80 -9.22
CA TYR B 428 36.07 -14.99 -10.64
C TYR B 428 35.35 -16.29 -11.05
N VAL B 429 34.26 -16.11 -11.80
CA VAL B 429 33.46 -17.22 -12.31
C VAL B 429 33.22 -17.07 -13.82
N GLU B 430 33.55 -18.09 -14.60
CA GLU B 430 33.28 -18.06 -16.03
C GLU B 430 31.79 -18.02 -16.25
N PRO B 431 31.35 -17.36 -17.33
CA PRO B 431 29.94 -17.52 -17.71
C PRO B 431 29.71 -19.01 -17.96
N CYS B 432 28.60 -19.55 -17.46
CA CYS B 432 28.35 -20.98 -17.58
C CYS B 432 26.99 -21.23 -18.20
N ILE B 433 26.97 -22.08 -19.21
CA ILE B 433 25.74 -22.45 -19.89
C ILE B 433 25.49 -23.93 -19.63
N ILE B 434 24.32 -24.23 -19.07
CA ILE B 434 23.98 -25.60 -18.73
C ILE B 434 22.73 -26.03 -19.50
N GLU B 435 22.69 -27.28 -19.94
CA GLU B 435 21.44 -27.79 -20.47
C GLU B 435 20.81 -28.74 -19.48
N SER B 436 19.53 -28.56 -19.20
CA SER B 436 18.80 -29.50 -18.36
C SER B 436 17.83 -30.32 -19.20
N LYS B 437 17.80 -31.62 -18.93
CA LYS B 437 16.82 -32.49 -19.58
C LYS B 437 15.53 -32.51 -18.76
N ASP B 438 15.58 -31.91 -17.59
CA ASP B 438 14.48 -31.94 -16.63
C ASP B 438 14.00 -30.51 -16.35
N PRO B 439 12.78 -30.18 -16.81
CA PRO B 439 12.34 -28.79 -16.63
C PRO B 439 12.06 -28.45 -15.16
N GLN B 440 12.11 -29.46 -14.29
CA GLN B 440 11.84 -29.25 -12.87
C GLN B 440 13.09 -29.42 -12.00
N GLU B 441 14.24 -29.57 -12.64
CA GLU B 441 15.51 -29.67 -11.92
C GLU B 441 15.59 -28.49 -10.96
N PRO B 442 16.14 -28.71 -9.75
CA PRO B 442 16.31 -27.62 -8.79
C PRO B 442 17.00 -26.39 -9.38
N ILE B 443 17.88 -26.57 -10.36
CA ILE B 443 18.60 -25.44 -10.92
C ILE B 443 17.67 -24.58 -11.78
N MET B 444 16.54 -25.16 -12.16
CA MET B 444 15.50 -24.44 -12.89
C MET B 444 14.62 -23.63 -11.94
N LYS B 445 14.77 -23.86 -10.64
CA LYS B 445 13.87 -23.28 -9.65
C LYS B 445 14.53 -22.24 -8.73
N GLU B 446 15.78 -22.48 -8.36
CA GLU B 446 16.42 -21.69 -7.31
C GLU B 446 17.34 -20.58 -7.82
N GLU B 447 17.20 -19.39 -7.24
CA GLU B 447 17.97 -18.24 -7.65
C GLU B 447 19.42 -18.44 -7.27
N ILE B 448 20.31 -18.35 -8.25
CA ILE B 448 21.73 -18.51 -8.01
C ILE B 448 22.46 -17.18 -7.82
N PHE B 449 21.98 -16.14 -8.52
CA PHE B 449 22.65 -14.84 -8.49
C PHE B 449 24.12 -14.99 -8.91
N GLY B 450 24.33 -15.70 -10.02
CA GLY B 450 25.65 -15.86 -10.61
C GLY B 450 25.48 -16.02 -12.11
N PRO B 451 26.59 -16.13 -12.86
CA PRO B 451 26.53 -16.18 -14.32
C PRO B 451 26.26 -17.60 -14.81
N VAL B 452 25.09 -18.11 -14.45
CA VAL B 452 24.75 -19.51 -14.71
C VAL B 452 23.40 -19.57 -15.40
N LEU B 453 23.43 -19.85 -16.70
CA LEU B 453 22.23 -19.95 -17.52
C LEU B 453 21.88 -21.41 -17.72
N THR B 454 20.63 -21.80 -17.45
CA THR B 454 20.18 -23.16 -17.71
C THR B 454 19.20 -23.17 -18.88
N VAL B 455 19.39 -24.11 -19.80
CA VAL B 455 18.55 -24.19 -21.00
C VAL B 455 17.71 -25.46 -20.98
N TYR B 456 16.44 -25.31 -21.35
CA TYR B 456 15.57 -26.47 -21.54
C TYR B 456 15.01 -26.43 -22.96
N VAL B 457 15.21 -27.52 -23.71
CA VAL B 457 14.71 -27.62 -25.08
C VAL B 457 13.39 -28.38 -25.08
N TYR B 458 12.37 -27.79 -25.69
CA TYR B 458 11.04 -28.39 -25.71
C TYR B 458 10.60 -28.66 -27.14
N PRO B 459 9.81 -29.73 -27.35
CA PRO B 459 9.30 -30.00 -28.69
C PRO B 459 8.37 -28.89 -29.16
N ASP B 460 8.55 -28.45 -30.40
CA ASP B 460 7.78 -27.35 -30.94
C ASP B 460 6.27 -27.49 -30.69
N ASP B 461 5.72 -28.68 -30.94
CA ASP B 461 4.27 -28.87 -30.84
C ASP B 461 3.76 -28.88 -29.39
N LYS B 462 4.68 -28.78 -28.43
CA LYS B 462 4.32 -28.63 -27.02
C LYS B 462 4.60 -27.23 -26.46
N TYR B 463 4.55 -26.21 -27.29
CA TYR B 463 4.84 -24.86 -26.80
C TYR B 463 3.86 -24.38 -25.74
N ARG B 464 2.60 -24.79 -25.86
CA ARG B 464 1.57 -24.34 -24.93
C ARG B 464 1.74 -24.99 -23.55
N GLU B 465 1.97 -26.30 -23.54
CA GLU B 465 2.24 -27.03 -22.31
C GLU B 465 3.49 -26.44 -21.66
N THR B 466 4.47 -26.14 -22.48
CA THR B 466 5.71 -25.57 -21.99
C THR B 466 5.50 -24.19 -21.34
N LEU B 467 4.65 -23.37 -21.96
CA LEU B 467 4.31 -22.07 -21.38
C LEU B 467 3.75 -22.23 -19.96
N LYS B 468 2.92 -23.25 -19.79
CA LYS B 468 2.38 -23.53 -18.46
C LYS B 468 3.50 -23.89 -17.48
N LEU B 469 4.50 -24.64 -17.96
CA LEU B 469 5.68 -24.94 -17.14
C LEU B 469 6.47 -23.68 -16.77
N VAL B 470 6.59 -22.75 -17.71
CA VAL B 470 7.32 -21.52 -17.44
C VAL B 470 6.67 -20.81 -16.25
N ASP B 471 5.35 -20.81 -16.26
CA ASP B 471 4.54 -20.13 -15.27
C ASP B 471 4.56 -20.82 -13.92
N SER B 472 4.59 -22.15 -13.93
CA SER B 472 4.34 -22.92 -12.70
C SER B 472 5.60 -23.46 -12.01
N THR B 473 6.74 -23.40 -12.69
CA THR B 473 7.94 -24.08 -12.20
C THR B 473 8.59 -23.43 -10.98
N THR B 474 8.57 -22.10 -10.91
CA THR B 474 9.25 -21.42 -9.80
C THR B 474 8.27 -20.70 -8.87
N SER B 475 8.78 -20.19 -7.75
CA SER B 475 7.97 -19.45 -6.78
CA SER B 475 7.94 -19.45 -6.80
C SER B 475 7.96 -17.95 -7.08
N TYR B 476 8.68 -17.55 -8.13
CA TYR B 476 8.89 -16.12 -8.42
C TYR B 476 8.03 -15.55 -9.54
N GLY B 477 7.94 -14.22 -9.59
CA GLY B 477 7.21 -13.56 -10.66
C GLY B 477 7.78 -12.21 -11.07
N LEU B 478 9.09 -12.14 -11.25
CA LEU B 478 9.72 -10.84 -11.43
C LEU B 478 9.80 -10.45 -12.91
N THR B 479 10.73 -11.03 -13.66
CA THR B 479 10.86 -10.64 -15.06
C THR B 479 10.79 -11.84 -16.00
N GLY B 480 10.49 -11.57 -17.26
CA GLY B 480 10.48 -12.61 -18.27
C GLY B 480 10.36 -12.02 -19.66
N ALA B 481 10.83 -12.76 -20.65
CA ALA B 481 10.76 -12.29 -22.03
C ALA B 481 10.20 -13.39 -22.91
N VAL B 482 9.47 -12.98 -23.95
CA VAL B 482 9.08 -13.89 -25.02
C VAL B 482 9.69 -13.39 -26.32
N PHE B 483 10.41 -14.27 -27.02
CA PHE B 483 10.93 -13.97 -28.34
C PHE B 483 10.09 -14.67 -29.39
N ALA B 484 9.40 -13.89 -30.22
CA ALA B 484 8.54 -14.43 -31.25
C ALA B 484 8.15 -13.34 -32.24
N GLN B 485 8.01 -13.72 -33.52
CA GLN B 485 7.57 -12.79 -34.54
C GLN B 485 6.13 -13.06 -34.96
N ASP B 486 5.51 -14.06 -34.34
CA ASP B 486 4.12 -14.40 -34.62
C ASP B 486 3.19 -13.66 -33.66
N LYS B 487 2.34 -12.79 -34.21
CA LYS B 487 1.45 -11.97 -33.41
C LYS B 487 0.52 -12.78 -32.53
N ALA B 488 -0.13 -13.79 -33.10
CA ALA B 488 -1.07 -14.61 -32.35
C ALA B 488 -0.37 -15.26 -31.14
N ILE B 489 0.86 -15.72 -31.37
CA ILE B 489 1.65 -16.35 -30.32
C ILE B 489 2.00 -15.35 -29.22
N VAL B 490 2.38 -14.14 -29.63
CA VAL B 490 2.73 -13.11 -28.66
C VAL B 490 1.52 -12.78 -27.81
N GLN B 491 0.36 -12.62 -28.44
CA GLN B 491 -0.87 -12.39 -27.69
C GLN B 491 -1.17 -13.53 -26.71
N GLU B 492 -1.11 -14.76 -27.20
CA GLU B 492 -1.37 -15.96 -26.39
C GLU B 492 -0.42 -16.04 -25.20
N ALA B 493 0.87 -15.90 -25.47
CA ALA B 493 1.88 -16.00 -24.44
C ALA B 493 1.75 -14.90 -23.41
N THR B 494 1.42 -13.69 -23.87
CA THR B 494 1.24 -12.56 -22.98
C THR B 494 0.09 -12.84 -22.00
N ARG B 495 -0.99 -13.42 -22.49
CA ARG B 495 -2.10 -13.79 -21.62
C ARG B 495 -1.67 -14.89 -20.64
N MET B 496 -1.01 -15.93 -21.13
CA MET B 496 -0.63 -17.06 -20.29
C MET B 496 0.35 -16.68 -19.18
N LEU B 497 1.23 -15.72 -19.47
CA LEU B 497 2.35 -15.43 -18.58
C LEU B 497 2.09 -14.17 -17.74
N ARG B 498 0.84 -13.75 -17.71
CA ARG B 498 0.43 -12.51 -17.05
C ARG B 498 0.93 -12.36 -15.62
N ASN B 499 0.92 -13.46 -14.85
CA ASN B 499 1.40 -13.39 -13.46
C ASN B 499 2.76 -14.03 -13.22
N ALA B 500 3.40 -14.49 -14.30
CA ALA B 500 4.73 -15.06 -14.21
C ALA B 500 5.81 -13.98 -14.20
N ALA B 501 5.45 -12.76 -14.59
CA ALA B 501 6.42 -11.66 -14.65
C ALA B 501 5.77 -10.30 -14.44
N GLY B 502 6.30 -9.52 -13.49
CA GLY B 502 5.82 -8.16 -13.27
C GLY B 502 6.41 -7.17 -14.28
N ASN B 503 7.58 -7.53 -14.81
CA ASN B 503 8.15 -6.83 -15.94
C ASN B 503 8.33 -7.83 -17.07
N PHE B 504 7.50 -7.68 -18.09
CA PHE B 504 7.40 -8.66 -19.15
C PHE B 504 7.91 -8.04 -20.44
N TYR B 505 8.69 -8.81 -21.20
CA TYR B 505 9.35 -8.27 -22.37
C TYR B 505 9.03 -9.04 -23.64
N ILE B 506 8.72 -8.28 -24.69
CA ILE B 506 8.47 -8.89 -25.99
CA ILE B 506 8.46 -8.87 -26.00
C ILE B 506 9.64 -8.54 -26.93
N ASN B 507 10.40 -9.56 -27.30
CA ASN B 507 11.57 -9.39 -28.16
C ASN B 507 12.61 -8.42 -27.61
N ASP B 508 12.84 -8.48 -26.30
CA ASP B 508 13.92 -7.74 -25.67
C ASP B 508 14.35 -8.52 -24.44
N LYS B 509 15.52 -8.19 -23.89
CA LYS B 509 16.05 -8.92 -22.75
C LYS B 509 15.33 -8.58 -21.45
N SER B 510 15.45 -9.46 -20.46
CA SER B 510 14.66 -9.35 -19.23
C SER B 510 15.23 -8.39 -18.17
N THR B 511 16.39 -7.79 -18.46
CA THR B 511 17.02 -6.85 -17.55
C THR B 511 16.97 -5.44 -18.13
N GLY B 512 17.34 -4.46 -17.31
CA GLY B 512 17.54 -3.10 -17.79
C GLY B 512 16.31 -2.23 -17.81
N SER B 513 15.41 -2.44 -16.86
CA SER B 513 14.26 -1.53 -16.71
C SER B 513 14.75 -0.09 -16.49
N VAL B 514 14.06 0.85 -17.13
CA VAL B 514 14.42 2.26 -17.07
C VAL B 514 13.31 3.05 -16.38
N VAL B 515 13.69 3.88 -15.42
CA VAL B 515 12.75 4.67 -14.64
C VAL B 515 11.80 5.48 -15.53
N GLY B 516 10.50 5.44 -15.24
CA GLY B 516 9.53 6.19 -16.01
C GLY B 516 9.08 5.49 -17.28
N GLN B 517 9.76 4.40 -17.65
CA GLN B 517 9.46 3.66 -18.87
C GLN B 517 9.01 2.23 -18.57
N GLN B 518 9.78 1.54 -17.72
CA GLN B 518 9.41 0.25 -17.19
C GLN B 518 9.50 0.24 -15.66
N PRO B 519 8.45 0.74 -14.99
CA PRO B 519 8.44 0.64 -13.53
C PRO B 519 8.70 -0.81 -13.14
N PHE B 520 9.54 -1.03 -12.12
CA PHE B 520 10.09 -2.36 -11.88
C PHE B 520 9.49 -3.03 -10.66
N GLY B 521 9.21 -4.32 -10.76
CA GLY B 521 8.79 -5.08 -9.61
C GLY B 521 7.87 -6.20 -10.04
N GLY B 522 7.73 -7.22 -9.21
CA GLY B 522 6.85 -8.32 -9.52
C GLY B 522 6.29 -8.94 -8.25
N ALA B 523 5.28 -9.79 -8.40
CA ALA B 523 4.65 -10.38 -7.24
C ALA B 523 5.09 -11.83 -6.99
N ARG B 524 4.13 -12.69 -6.65
CA ARG B 524 4.49 -14.03 -6.15
C ARG B 524 5.57 -13.89 -5.07
N ALA B 525 6.62 -14.71 -5.09
CA ALA B 525 7.65 -14.61 -4.04
C ALA B 525 8.57 -13.39 -4.21
N SER B 526 8.38 -12.66 -5.30
CA SER B 526 9.31 -11.59 -5.65
C SER B 526 9.11 -10.28 -4.89
N GLY B 527 8.06 -10.19 -4.08
CA GLY B 527 7.91 -9.01 -3.25
C GLY B 527 6.52 -8.39 -3.27
N THR B 528 6.41 -7.17 -2.76
CA THR B 528 5.12 -6.51 -2.56
C THR B 528 4.71 -5.76 -3.82
N ASN B 529 5.63 -5.69 -4.79
CA ASN B 529 5.42 -5.02 -6.07
C ASN B 529 4.91 -3.58 -6.01
N ASP B 530 5.68 -2.70 -5.37
CA ASP B 530 5.27 -1.31 -5.24
C ASP B 530 5.75 -0.43 -6.39
N LYS B 531 6.37 -1.05 -7.39
CA LYS B 531 6.70 -0.38 -8.65
C LYS B 531 7.53 0.91 -8.53
N PRO B 532 8.66 0.82 -7.82
CA PRO B 532 9.65 1.88 -7.89
C PRO B 532 9.99 2.12 -9.37
N GLY B 533 10.11 3.39 -9.77
CA GLY B 533 10.30 3.72 -11.16
C GLY B 533 9.00 4.19 -11.82
N GLY B 534 7.90 4.02 -11.10
CA GLY B 534 6.59 4.45 -11.60
C GLY B 534 6.01 5.54 -10.73
N PRO B 535 4.88 6.11 -11.15
CA PRO B 535 4.29 7.27 -10.50
C PRO B 535 3.59 6.95 -9.18
N HIS B 536 3.42 5.68 -8.84
CA HIS B 536 2.64 5.34 -7.65
C HIS B 536 3.48 4.98 -6.42
N TYR B 537 4.76 4.71 -6.64
CA TYR B 537 5.66 4.22 -5.59
C TYR B 537 5.66 5.13 -4.37
N ILE B 538 5.75 6.43 -4.61
CA ILE B 538 5.79 7.42 -3.51
C ILE B 538 4.55 7.37 -2.61
N LEU B 539 3.42 6.87 -3.13
CA LEU B 539 2.20 6.82 -2.33
C LEU B 539 2.37 5.91 -1.11
N ARG B 540 3.28 4.95 -1.15
CA ARG B 540 3.48 4.11 0.02
C ARG B 540 4.06 4.89 1.22
N TRP B 541 4.64 6.06 0.94
CA TRP B 541 5.41 6.79 1.95
C TRP B 541 4.72 8.08 2.40
N THR B 542 3.45 8.20 2.06
CA THR B 542 2.64 9.30 2.55
C THR B 542 1.35 8.73 3.17
N SER B 543 0.87 9.40 4.21
CA SER B 543 -0.38 9.06 4.88
C SER B 543 -1.27 10.29 4.79
N PRO B 544 -2.15 10.35 3.79
CA PRO B 544 -2.88 11.60 3.51
C PRO B 544 -3.85 11.98 4.60
N GLN B 545 -3.97 13.28 4.82
CA GLN B 545 -4.99 13.84 5.69
C GLN B 545 -5.87 14.68 4.81
N VAL B 546 -7.17 14.70 5.06
CA VAL B 546 -8.06 15.59 4.32
CA VAL B 546 -8.05 15.60 4.32
C VAL B 546 -8.66 16.62 5.27
N ILE B 547 -8.57 17.89 4.89
CA ILE B 547 -9.11 18.98 5.68
C ILE B 547 -10.32 19.58 5.00
N LYS B 548 -11.44 19.64 5.71
CA LYS B 548 -12.64 20.30 5.21
C LYS B 548 -12.87 21.56 6.02
N GLU B 549 -12.88 22.72 5.36
CA GLU B 549 -13.20 23.97 6.05
C GLU B 549 -14.56 24.44 5.58
N THR B 550 -15.45 24.65 6.54
CA THR B 550 -16.80 25.06 6.23
C THR B 550 -16.93 26.54 6.53
N HIS B 551 -17.57 27.26 5.61
CA HIS B 551 -17.49 28.72 5.59
C HIS B 551 -18.77 29.40 6.04
N LYS B 552 -19.76 28.58 6.41
CA LYS B 552 -21.05 29.09 6.86
C LYS B 552 -21.45 28.41 8.15
N PRO B 553 -22.17 29.13 9.02
CA PRO B 553 -22.70 28.54 10.26
C PRO B 553 -23.48 27.28 9.94
N LEU B 554 -23.43 26.30 10.82
CA LEU B 554 -24.23 25.10 10.63
C LEU B 554 -25.66 25.44 11.05
N GLY B 555 -26.62 24.66 10.58
CA GLY B 555 -28.01 24.94 10.92
C GLY B 555 -28.42 24.21 12.18
N ASP B 556 -29.70 23.87 12.26
CA ASP B 556 -30.20 23.09 13.37
C ASP B 556 -29.62 21.67 13.30
N TRP B 557 -29.79 20.91 14.37
CA TRP B 557 -29.40 19.51 14.35
C TRP B 557 -30.49 18.63 13.71
N ARG B 558 -31.72 19.12 13.73
CA ARG B 558 -32.84 18.40 13.12
C ARG B 558 -32.80 18.50 11.60
N TYR B 559 -33.56 17.64 10.92
CA TYR B 559 -33.66 17.65 9.47
C TYR B 559 -35.10 17.95 9.11
N SER B 560 -35.31 18.57 7.95
CA SER B 560 -36.65 18.99 7.58
C SER B 560 -37.66 17.83 7.49
N TYR B 561 -37.21 16.65 7.09
CA TYR B 561 -38.13 15.52 6.94
C TYR B 561 -38.69 15.07 8.30
N MET B 562 -38.05 15.49 9.39
CA MET B 562 -38.48 15.10 10.74
C MET B 562 -39.67 15.91 11.22
N GLN B 563 -39.96 16.99 10.51
CA GLN B 563 -41.04 17.92 10.89
C GLN B 563 -42.38 17.20 10.95
#